data_5Y5L
#
_entry.id   5Y5L
#
_cell.length_a   54.600
_cell.length_b   102.300
_cell.length_c   73.700
_cell.angle_alpha   90.000
_cell.angle_beta   92.600
_cell.angle_gamma   90.000
#
_symmetry.space_group_name_H-M   'P 1 21 1'
#
loop_
_entity.id
_entity.type
_entity.pdbx_description
1 polymer 'NADP nitrous oxide-forming nitric oxide reductase'
2 non-polymer 'PROTOPORPHYRIN IX CONTAINING FE'
3 water water
#
_entity_poly.entity_id   1
_entity_poly.type   'polypeptide(L)'
_entity_poly.pdbx_seq_one_letter_code
;MASGAPSFPFSRASGPEPPAEFAKLRATNPVSQVKLFDGSLAWLVTKHKDVCFVATSEKLSKVRTRQGFPELSASGKQAA
KAKPTFVDMDPPEHMHQRSMVEPTFTPEAVKNLQPYIQRTVDDLLEQMKQKGCANGPVDLVKEFALPVPSYIIYTLLGVP
FNDLEYLTQQNAIRTNGSSTAREASAANQELLDYLAILVEQRLVEPKDDIISKLCTEQVKPGNIDKSDAVQIAFLLLVAG
NATMVNMIALGVATLAQHPDQLAQLKANPSLAPQFVEELCRYHTASALAIKRTAKEDVMIGDKLVRANEGIIASNQSANR
DEEVFENPDEFNMNRKWPPQDPLGFGFGDHRCIAEHLAKAELTTVFSTLYQKFPDLKVAVPLGKINYTPLNRDVGIVDLP
VIF
;
_entity_poly.pdbx_strand_id   A,B
#
loop_
_chem_comp.id
_chem_comp.type
_chem_comp.name
_chem_comp.formula
HEM non-polymer 'PROTOPORPHYRIN IX CONTAINING FE' 'C34 H32 Fe N4 O4'
#
# COMPACT_ATOMS: atom_id res chain seq x y z
N ALA A 5 -35.56 22.16 -22.00
CA ALA A 5 -34.28 21.47 -21.84
C ALA A 5 -33.39 22.17 -20.81
N PRO A 6 -32.89 21.41 -19.84
CA PRO A 6 -32.09 22.02 -18.76
C PRO A 6 -30.73 22.50 -19.26
N SER A 7 -30.22 23.54 -18.61
CA SER A 7 -28.90 24.07 -18.92
CA SER A 7 -28.91 24.07 -18.91
C SER A 7 -27.82 23.08 -18.52
N PHE A 8 -26.81 22.95 -19.37
CA PHE A 8 -25.68 22.05 -19.14
C PHE A 8 -24.38 22.82 -19.39
N PRO A 9 -23.31 22.54 -18.63
CA PRO A 9 -23.05 21.58 -17.54
C PRO A 9 -24.01 21.68 -16.35
N PHE A 10 -24.29 20.55 -15.71
CA PHE A 10 -25.01 20.60 -14.45
C PHE A 10 -24.05 20.96 -13.32
N SER A 11 -24.62 21.46 -12.22
CA SER A 11 -23.87 21.70 -10.99
C SER A 11 -23.77 20.43 -10.16
N ARG A 12 -22.62 20.23 -9.54
CA ARG A 12 -22.48 19.13 -8.58
C ARG A 12 -23.47 19.31 -7.44
N ALA A 13 -23.99 18.18 -6.92
CA ALA A 13 -24.98 18.27 -5.84
C ALA A 13 -24.36 18.84 -4.57
N SER A 14 -23.09 18.57 -4.31
CA SER A 14 -22.36 19.18 -3.22
C SER A 14 -20.89 19.08 -3.58
N GLY A 15 -20.04 19.49 -2.65
CA GLY A 15 -18.60 19.51 -2.87
C GLY A 15 -18.03 18.28 -3.54
N PRO A 16 -18.16 17.12 -2.90
CA PRO A 16 -17.60 15.88 -3.45
C PRO A 16 -18.52 15.06 -4.35
N GLU A 17 -19.74 15.49 -4.64
CA GLU A 17 -20.75 14.65 -5.30
C GLU A 17 -20.98 15.04 -6.75
N PRO A 18 -21.30 14.08 -7.62
CA PRO A 18 -21.70 14.41 -9.00
C PRO A 18 -23.01 15.20 -9.01
N PRO A 19 -23.39 15.78 -10.15
CA PRO A 19 -24.72 16.38 -10.25
C PRO A 19 -25.81 15.35 -9.94
N ALA A 20 -26.87 15.82 -9.28
CA ALA A 20 -28.00 14.94 -8.96
C ALA A 20 -28.82 14.56 -10.20
N GLU A 21 -28.74 15.36 -11.27
CA GLU A 21 -29.54 15.08 -12.45
C GLU A 21 -29.23 13.71 -13.03
N PHE A 22 -27.96 13.28 -12.96
CA PHE A 22 -27.50 12.10 -13.70
C PHE A 22 -28.25 10.85 -13.25
N ALA A 23 -28.41 10.65 -11.95
CA ALA A 23 -29.11 9.47 -11.46
C ALA A 23 -30.56 9.48 -11.91
N LYS A 24 -31.21 10.64 -11.89
CA LYS A 24 -32.59 10.70 -12.36
C LYS A 24 -32.67 10.40 -13.85
N LEU A 25 -31.72 10.95 -14.62
CA LEU A 25 -31.74 10.72 -16.06
C LEU A 25 -31.47 9.26 -16.40
N ARG A 26 -30.53 8.63 -15.68
CA ARG A 26 -30.27 7.22 -15.94
C ARG A 26 -31.50 6.37 -15.71
N ALA A 27 -32.36 6.78 -14.78
CA ALA A 27 -33.52 5.97 -14.43
C ALA A 27 -34.71 6.21 -15.37
N THR A 28 -34.85 7.42 -15.91
CA THR A 28 -36.08 7.80 -16.60
C THR A 28 -35.91 8.33 -18.01
N ASN A 29 -34.75 8.88 -18.38
CA ASN A 29 -34.55 9.46 -19.71
C ASN A 29 -33.07 9.46 -20.04
N PRO A 30 -32.51 8.28 -20.37
CA PRO A 30 -31.03 8.15 -20.41
C PRO A 30 -30.35 8.84 -21.58
N VAL A 31 -31.06 9.11 -22.68
CA VAL A 31 -30.57 9.95 -23.77
C VAL A 31 -31.50 11.15 -23.86
N SER A 32 -31.03 12.31 -23.43
CA SER A 32 -31.91 13.48 -23.36
C SER A 32 -31.23 14.71 -23.97
N GLN A 33 -32.02 15.74 -24.18
CA GLN A 33 -31.48 16.99 -24.71
C GLN A 33 -31.16 17.97 -23.59
N VAL A 34 -30.05 18.69 -23.75
CA VAL A 34 -29.68 19.76 -22.83
C VAL A 34 -29.41 21.01 -23.63
N LYS A 35 -29.48 22.14 -22.93
CA LYS A 35 -29.27 23.45 -23.52
C LYS A 35 -27.87 23.92 -23.14
N LEU A 36 -27.06 24.26 -24.14
CA LEU A 36 -25.72 24.76 -23.94
C LEU A 36 -25.70 26.28 -23.74
N PHE A 37 -24.53 26.79 -23.35
CA PHE A 37 -24.38 28.19 -22.97
C PHE A 37 -24.87 29.14 -24.06
N ASP A 38 -24.78 28.74 -25.32
CA ASP A 38 -25.14 29.60 -26.44
C ASP A 38 -26.53 29.31 -26.96
N GLY A 39 -27.36 28.63 -26.16
CA GLY A 39 -28.71 28.31 -26.56
C GLY A 39 -28.86 27.07 -27.41
N SER A 40 -27.80 26.58 -28.03
CA SER A 40 -27.93 25.39 -28.85
C SER A 40 -28.24 24.18 -27.97
N LEU A 41 -28.85 23.17 -28.60
CA LEU A 41 -29.22 21.95 -27.91
C LEU A 41 -28.24 20.84 -28.27
N ALA A 42 -27.86 20.06 -27.28
CA ALA A 42 -27.02 18.89 -27.48
C ALA A 42 -27.69 17.69 -26.82
N TRP A 43 -27.27 16.51 -27.24
CA TRP A 43 -27.75 15.27 -26.63
C TRP A 43 -26.80 14.85 -25.51
N LEU A 44 -27.38 14.42 -24.40
CA LEU A 44 -26.61 13.99 -23.24
C LEU A 44 -26.87 12.51 -22.98
N VAL A 45 -25.80 11.75 -22.88
CA VAL A 45 -25.82 10.31 -22.78
C VAL A 45 -25.28 9.94 -21.41
N THR A 46 -25.98 9.08 -20.66
CA THR A 46 -25.69 8.93 -19.25
C THR A 46 -25.40 7.51 -18.79
N LYS A 47 -25.76 6.50 -19.55
CA LYS A 47 -25.55 5.11 -19.17
C LYS A 47 -24.24 4.58 -19.73
N HIS A 48 -23.60 3.70 -18.96
CA HIS A 48 -22.28 3.18 -19.31
C HIS A 48 -22.27 2.61 -20.73
N LYS A 49 -23.29 1.82 -21.09
CA LYS A 49 -23.31 1.21 -22.41
C LYS A 49 -23.36 2.25 -23.52
N ASP A 50 -24.12 3.33 -23.30
CA ASP A 50 -24.26 4.34 -24.34
C ASP A 50 -23.03 5.23 -24.44
N VAL A 51 -22.34 5.46 -23.30
CA VAL A 51 -21.11 6.23 -23.33
C VAL A 51 -20.06 5.49 -24.15
N CYS A 52 -19.97 4.17 -23.96
CA CYS A 52 -19.01 3.39 -24.74
C CYS A 52 -19.32 3.46 -26.24
N PHE A 53 -20.60 3.46 -26.58
CA PHE A 53 -20.97 3.55 -27.99
C PHE A 53 -20.58 4.90 -28.58
N VAL A 54 -20.90 6.00 -27.88
CA VAL A 54 -20.50 7.33 -28.35
C VAL A 54 -18.98 7.40 -28.54
N ALA A 55 -18.23 6.80 -27.62
CA ALA A 55 -16.78 6.91 -27.66
C ALA A 55 -16.17 6.12 -28.82
N THR A 56 -16.88 5.13 -29.36
CA THR A 56 -16.29 4.28 -30.40
C THR A 56 -17.00 4.36 -31.74
N SER A 57 -18.20 4.93 -31.81
CA SER A 57 -18.93 4.94 -33.08
C SER A 57 -18.18 5.72 -34.15
N GLU A 58 -17.98 5.09 -35.31
CA GLU A 58 -17.34 5.76 -36.43
C GLU A 58 -18.25 6.79 -37.11
N LYS A 59 -19.53 6.84 -36.75
CA LYS A 59 -20.43 7.86 -37.28
C LYS A 59 -20.33 9.19 -36.55
N LEU A 60 -19.50 9.29 -35.51
CA LEU A 60 -19.39 10.47 -34.68
C LEU A 60 -18.00 11.08 -34.81
N SER A 61 -17.92 12.40 -34.76
CA SER A 61 -16.67 13.11 -35.03
C SER A 61 -16.27 13.97 -33.86
N LYS A 62 -14.95 14.11 -33.66
CA LYS A 62 -14.37 15.05 -32.71
C LYS A 62 -13.89 16.33 -33.39
N VAL A 63 -14.03 16.44 -34.70
CA VAL A 63 -13.52 17.63 -35.39
C VAL A 63 -14.36 18.83 -34.96
N ARG A 64 -13.70 19.85 -34.41
CA ARG A 64 -14.45 20.92 -33.76
C ARG A 64 -14.98 21.95 -34.73
N THR A 65 -14.52 21.94 -35.97
CA THR A 65 -15.07 22.85 -36.95
C THR A 65 -16.22 22.24 -37.72
N ARG A 66 -16.74 21.09 -37.29
CA ARG A 66 -17.98 20.58 -37.85
C ARG A 66 -19.16 21.26 -37.19
N GLN A 67 -20.18 21.56 -38.01
CA GLN A 67 -21.45 22.05 -37.51
C GLN A 67 -21.95 21.18 -36.37
N GLY A 68 -22.41 21.82 -35.30
CA GLY A 68 -23.04 21.14 -34.19
C GLY A 68 -22.12 20.73 -33.07
N PHE A 69 -20.82 20.96 -33.17
CA PHE A 69 -19.94 20.51 -32.11
C PHE A 69 -20.33 21.20 -30.80
N PRO A 70 -20.41 20.47 -29.71
CA PRO A 70 -20.97 21.08 -28.49
C PRO A 70 -19.89 21.73 -27.61
N GLU A 71 -19.57 22.98 -27.94
CA GLU A 71 -18.73 23.80 -27.08
C GLU A 71 -19.52 24.21 -25.83
N LEU A 72 -18.86 24.17 -24.68
CA LEU A 72 -19.55 24.42 -23.43
C LEU A 72 -19.35 25.83 -22.90
N SER A 73 -18.46 26.61 -23.51
CA SER A 73 -18.24 27.98 -23.07
C SER A 73 -17.80 28.78 -24.28
N ALA A 74 -17.68 30.09 -24.07
CA ALA A 74 -17.31 30.95 -25.19
C ALA A 74 -15.84 30.78 -25.57
N SER A 75 -14.99 30.45 -24.60
CA SER A 75 -13.57 30.28 -24.89
C SER A 75 -13.32 29.03 -25.72
N GLY A 76 -14.05 27.94 -25.43
CA GLY A 76 -13.97 26.76 -26.28
C GLY A 76 -14.36 27.05 -27.72
N LYS A 77 -15.33 27.96 -27.93
CA LYS A 77 -15.76 28.26 -29.29
C LYS A 77 -14.64 28.93 -30.09
N GLN A 78 -13.85 29.79 -29.44
CA GLN A 78 -12.76 30.43 -30.15
C GLN A 78 -11.51 29.57 -30.17
N ALA A 79 -11.28 28.77 -29.12
CA ALA A 79 -10.22 27.77 -29.17
C ALA A 79 -10.41 26.83 -30.36
N ALA A 80 -11.66 26.61 -30.77
CA ALA A 80 -11.92 25.75 -31.93
C ALA A 80 -11.27 26.26 -33.19
N LYS A 81 -10.87 27.54 -33.24
CA LYS A 81 -10.31 28.12 -34.45
C LYS A 81 -8.86 27.72 -34.67
N ALA A 82 -8.14 27.34 -33.61
CA ALA A 82 -6.71 27.04 -33.73
C ALA A 82 -6.49 25.75 -34.53
N LYS A 83 -5.28 25.63 -35.09
CA LYS A 83 -4.91 24.40 -35.79
C LYS A 83 -5.00 23.23 -34.80
N PRO A 84 -5.66 22.14 -35.16
CA PRO A 84 -5.92 21.07 -34.19
C PRO A 84 -4.72 20.17 -33.96
N THR A 85 -4.62 19.68 -32.73
CA THR A 85 -3.77 18.56 -32.39
C THR A 85 -4.64 17.31 -32.29
N PHE A 86 -3.99 16.16 -32.00
CA PHE A 86 -4.67 14.89 -32.17
C PHE A 86 -5.85 14.72 -31.24
N VAL A 87 -5.93 15.48 -30.13
CA VAL A 87 -7.10 15.42 -29.25
C VAL A 87 -8.38 15.77 -30.02
N ASP A 88 -8.28 16.61 -31.05
CA ASP A 88 -9.43 17.07 -31.80
C ASP A 88 -9.48 16.51 -33.23
N MET A 89 -8.93 15.30 -33.44
CA MET A 89 -8.86 14.67 -34.75
C MET A 89 -9.63 13.36 -34.78
N ASP A 90 -10.12 13.03 -35.96
CA ASP A 90 -10.73 11.75 -36.28
C ASP A 90 -9.71 10.85 -36.97
N PRO A 91 -9.98 9.55 -37.05
CA PRO A 91 -9.12 8.69 -37.87
C PRO A 91 -9.14 9.15 -39.31
N PRO A 92 -8.05 8.93 -40.06
CA PRO A 92 -6.79 8.34 -39.59
C PRO A 92 -5.79 9.39 -39.10
N GLU A 93 -6.10 10.69 -39.23
CA GLU A 93 -5.20 11.72 -38.73
C GLU A 93 -4.94 11.54 -37.24
N HIS A 94 -5.94 11.10 -36.48
CA HIS A 94 -5.80 11.01 -35.03
C HIS A 94 -4.60 10.15 -34.63
N MET A 95 -4.57 8.90 -35.09
CA MET A 95 -3.47 8.03 -34.67
C MET A 95 -2.16 8.34 -35.38
N HIS A 96 -2.22 8.95 -36.56
CA HIS A 96 -1.00 9.39 -37.21
C HIS A 96 -0.18 10.32 -36.29
N GLN A 97 -0.83 11.32 -35.73
CA GLN A 97 -0.12 12.24 -34.85
C GLN A 97 0.03 11.66 -33.44
N ARG A 98 -1.00 10.98 -32.93
CA ARG A 98 -0.91 10.43 -31.58
C ARG A 98 0.24 9.43 -31.46
N SER A 99 0.47 8.61 -32.50
CA SER A 99 1.54 7.63 -32.45
C SER A 99 2.93 8.27 -32.39
N MET A 100 3.05 9.54 -32.75
CA MET A 100 4.35 10.23 -32.62
C MET A 100 4.81 10.33 -31.17
N VAL A 101 3.89 10.44 -30.22
CA VAL A 101 4.25 10.61 -28.81
C VAL A 101 3.83 9.44 -27.94
N GLU A 102 3.08 8.48 -28.48
CA GLU A 102 2.63 7.35 -27.67
C GLU A 102 3.76 6.50 -27.07
N PRO A 103 4.94 6.32 -27.71
CA PRO A 103 5.97 5.44 -27.12
C PRO A 103 6.36 5.73 -25.67
N THR A 104 6.29 6.98 -25.23
CA THR A 104 6.66 7.33 -23.85
C THR A 104 5.61 6.86 -22.84
N PHE A 105 4.39 6.63 -23.27
CA PHE A 105 3.28 6.39 -22.37
C PHE A 105 2.80 4.94 -22.37
N THR A 106 3.51 4.04 -23.04
CA THR A 106 3.11 2.63 -23.07
C THR A 106 3.32 2.00 -21.69
N PRO A 107 2.63 0.90 -21.40
CA PRO A 107 2.84 0.27 -20.11
C PRO A 107 4.28 -0.16 -19.90
N GLU A 108 4.98 -0.56 -20.96
CA GLU A 108 6.40 -0.90 -20.84
C GLU A 108 7.22 0.31 -20.48
N ALA A 109 7.00 1.43 -21.17
CA ALA A 109 7.78 2.63 -20.89
C ALA A 109 7.49 3.14 -19.48
N VAL A 110 6.25 3.03 -19.03
CA VAL A 110 5.89 3.53 -17.71
C VAL A 110 6.49 2.66 -16.62
N LYS A 111 6.61 1.35 -16.86
CA LYS A 111 7.34 0.49 -15.94
C LYS A 111 8.77 0.98 -15.76
N ASN A 112 9.44 1.35 -16.85
CA ASN A 112 10.82 1.81 -16.71
C ASN A 112 10.90 3.13 -15.98
N LEU A 113 9.85 3.95 -16.03
CA LEU A 113 9.87 5.23 -15.33
C LEU A 113 9.68 5.08 -13.83
N GLN A 114 9.24 3.91 -13.36
CA GLN A 114 8.80 3.76 -11.97
C GLN A 114 9.84 4.18 -10.94
N PRO A 115 11.14 3.86 -11.08
CA PRO A 115 12.12 4.39 -10.10
C PRO A 115 12.12 5.90 -10.06
N TYR A 116 12.04 6.56 -11.20
CA TYR A 116 12.03 8.03 -11.22
C TYR A 116 10.76 8.59 -10.59
N ILE A 117 9.60 7.98 -10.88
CA ILE A 117 8.35 8.38 -10.25
C ILE A 117 8.46 8.27 -8.73
N GLN A 118 9.03 7.16 -8.24
CA GLN A 118 9.18 6.95 -6.80
C GLN A 118 10.14 7.95 -6.19
N ARG A 119 11.27 8.22 -6.87
CA ARG A 119 12.24 9.18 -6.35
C ARG A 119 11.64 10.58 -6.27
N THR A 120 10.87 10.97 -7.29
CA THR A 120 10.17 12.25 -7.29
C THR A 120 9.23 12.36 -6.11
N VAL A 121 8.42 11.32 -5.88
CA VAL A 121 7.47 11.34 -4.76
C VAL A 121 8.21 11.35 -3.43
N ASP A 122 9.27 10.53 -3.32
CA ASP A 122 10.07 10.50 -2.10
C ASP A 122 10.68 11.87 -1.81
N ASP A 123 11.32 12.49 -2.81
CA ASP A 123 11.98 13.78 -2.58
C ASP A 123 10.97 14.83 -2.12
N LEU A 124 9.82 14.91 -2.79
CA LEU A 124 8.85 15.94 -2.41
C LEU A 124 8.25 15.67 -1.04
N LEU A 125 8.07 14.40 -0.66
CA LEU A 125 7.60 14.10 0.68
C LEU A 125 8.67 14.45 1.71
N GLU A 126 9.93 14.18 1.41
CA GLU A 126 10.99 14.49 2.37
C GLU A 126 11.15 16.01 2.52
N GLN A 127 10.96 16.77 1.44
CA GLN A 127 10.95 18.23 1.57
C GLN A 127 9.83 18.69 2.48
N MET A 128 8.65 18.08 2.36
CA MET A 128 7.51 18.48 3.18
C MET A 128 7.77 18.17 4.64
N LYS A 129 8.37 17.01 4.91
CA LYS A 129 8.81 16.66 6.26
C LYS A 129 9.74 17.72 6.82
N GLN A 130 10.75 18.12 6.04
CA GLN A 130 11.73 19.08 6.52
C GLN A 130 11.10 20.45 6.73
N LYS A 131 10.17 20.85 5.87
CA LYS A 131 9.41 22.05 6.16
C LYS A 131 8.66 21.92 7.49
N GLY A 132 8.08 20.75 7.74
CA GLY A 132 7.32 20.52 8.95
C GLY A 132 6.02 21.29 9.01
N CYS A 133 5.27 21.05 10.08
CA CYS A 133 4.02 21.78 10.32
C CYS A 133 4.00 22.36 11.72
N ALA A 134 5.16 22.78 12.20
CA ALA A 134 5.29 23.33 13.55
C ALA A 134 4.68 24.71 13.69
N ASN A 135 4.35 25.38 12.59
CA ASN A 135 3.78 26.72 12.66
C ASN A 135 2.36 26.78 12.09
N GLY A 136 1.68 25.65 12.01
CA GLY A 136 0.35 25.58 11.44
C GLY A 136 0.27 24.58 10.30
N PRO A 137 -0.93 24.31 9.81
CA PRO A 137 -1.07 23.33 8.73
C PRO A 137 -0.37 23.81 7.48
N VAL A 138 0.04 22.86 6.66
CA VAL A 138 0.55 23.16 5.34
C VAL A 138 -0.49 22.71 4.33
N ASP A 139 -0.43 23.32 3.15
CA ASP A 139 -1.34 23.02 2.05
C ASP A 139 -0.76 21.83 1.29
N LEU A 140 -1.39 20.66 1.44
CA LEU A 140 -0.97 19.48 0.70
C LEU A 140 -0.99 19.72 -0.82
N VAL A 141 -1.89 20.55 -1.32
CA VAL A 141 -1.91 20.85 -2.76
C VAL A 141 -0.62 21.56 -3.16
N LYS A 142 -0.36 22.69 -2.53
CA LYS A 142 0.78 23.48 -2.95
C LYS A 142 2.10 22.75 -2.69
N GLU A 143 2.17 22.04 -1.56
CA GLU A 143 3.42 21.38 -1.16
C GLU A 143 3.65 20.05 -1.85
N PHE A 144 2.62 19.39 -2.36
CA PHE A 144 2.83 18.00 -2.77
C PHE A 144 2.02 17.61 -3.99
N ALA A 145 0.70 17.81 -3.93
CA ALA A 145 -0.17 17.36 -5.02
C ALA A 145 0.14 18.09 -6.32
N LEU A 146 0.52 19.37 -6.27
CA LEU A 146 0.80 20.13 -7.48
C LEU A 146 2.17 19.78 -8.06
N PRO A 147 3.27 19.84 -7.29
CA PRO A 147 4.58 19.56 -7.89
C PRO A 147 4.79 18.13 -8.37
N VAL A 148 4.11 17.13 -7.80
CA VAL A 148 4.38 15.75 -8.21
C VAL A 148 4.05 15.52 -9.68
N PRO A 149 2.82 15.74 -10.18
CA PRO A 149 2.60 15.54 -11.61
C PRO A 149 3.28 16.59 -12.47
N SER A 150 3.38 17.83 -11.96
CA SER A 150 4.03 18.89 -12.71
C SER A 150 5.50 18.56 -12.98
N TYR A 151 6.24 18.18 -11.93
CA TYR A 151 7.67 17.91 -12.13
C TYR A 151 7.90 16.77 -13.10
N ILE A 152 7.05 15.74 -13.03
CA ILE A 152 7.23 14.55 -13.85
C ILE A 152 6.96 14.86 -15.32
N ILE A 153 5.82 15.50 -15.62
CA ILE A 153 5.51 15.72 -17.04
C ILE A 153 6.46 16.76 -17.64
N TYR A 154 6.82 17.80 -16.86
CA TYR A 154 7.82 18.76 -17.32
C TYR A 154 9.14 18.06 -17.61
N THR A 155 9.55 17.17 -16.71
CA THR A 155 10.82 16.46 -16.91
C THR A 155 10.76 15.57 -18.14
N LEU A 156 9.64 14.86 -18.33
CA LEU A 156 9.50 14.03 -19.52
C LEU A 156 9.56 14.86 -20.80
N LEU A 157 8.92 16.03 -20.81
CA LEU A 157 8.99 16.91 -21.98
C LEU A 157 10.41 17.37 -22.24
N GLY A 158 11.19 17.62 -21.20
CA GLY A 158 12.59 17.99 -21.36
C GLY A 158 13.00 19.26 -20.65
N VAL A 159 12.12 19.76 -19.79
CA VAL A 159 12.42 20.99 -19.03
C VAL A 159 13.55 20.70 -18.04
N PRO A 160 14.58 21.54 -17.96
CA PRO A 160 15.67 21.29 -17.00
C PRO A 160 15.25 21.55 -15.56
N PHE A 161 15.94 20.88 -14.64
CA PHE A 161 15.54 20.87 -13.25
C PHE A 161 15.36 22.28 -12.69
N ASN A 162 16.25 23.21 -13.04
CA ASN A 162 16.20 24.54 -12.42
C ASN A 162 14.99 25.36 -12.81
N ASP A 163 14.28 25.01 -13.89
CA ASP A 163 13.12 25.75 -14.36
C ASP A 163 11.79 25.20 -13.85
N LEU A 164 11.82 24.09 -13.11
CA LEU A 164 10.59 23.38 -12.79
C LEU A 164 9.66 24.22 -11.93
N GLU A 165 10.21 24.91 -10.93
CA GLU A 165 9.36 25.52 -9.93
C GLU A 165 8.62 26.71 -10.49
N TYR A 166 9.30 27.53 -11.29
CA TYR A 166 8.64 28.66 -11.93
C TYR A 166 7.54 28.19 -12.88
N LEU A 167 7.84 27.18 -13.71
CA LEU A 167 6.87 26.73 -14.71
C LEU A 167 5.72 26.00 -14.06
N THR A 168 5.97 25.34 -12.95
CA THR A 168 4.89 24.72 -12.21
C THR A 168 3.92 25.78 -11.69
N GLN A 169 4.45 26.88 -11.18
CA GLN A 169 3.61 27.97 -10.69
CA GLN A 169 3.58 27.94 -10.69
C GLN A 169 2.81 28.60 -11.82
N GLN A 170 3.46 28.83 -12.96
CA GLN A 170 2.78 29.44 -14.11
C GLN A 170 1.62 28.58 -14.58
N ASN A 171 1.82 27.26 -14.66
CA ASN A 171 0.74 26.41 -15.13
C ASN A 171 -0.41 26.38 -14.14
N ALA A 172 -0.10 26.42 -12.85
CA ALA A 172 -1.13 26.51 -11.83
C ALA A 172 -1.96 27.78 -11.99
N ILE A 173 -1.30 28.89 -12.31
CA ILE A 173 -2.00 30.17 -12.49
C ILE A 173 -3.03 30.07 -13.62
N ARG A 174 -2.69 29.34 -14.69
CA ARG A 174 -3.61 29.13 -15.80
C ARG A 174 -5.00 28.69 -15.35
N THR A 175 -5.06 27.74 -14.42
CA THR A 175 -6.33 27.09 -14.09
C THR A 175 -6.84 27.49 -12.71
N ASN A 176 -6.19 28.43 -12.04
CA ASN A 176 -6.60 28.81 -10.70
C ASN A 176 -7.89 29.62 -10.75
N GLY A 177 -8.86 29.24 -9.92
CA GLY A 177 -10.18 29.85 -9.98
C GLY A 177 -10.20 31.34 -9.68
N SER A 178 -9.21 31.83 -8.92
CA SER A 178 -9.18 33.23 -8.56
C SER A 178 -8.23 34.05 -9.42
N SER A 179 -7.66 33.46 -10.48
CA SER A 179 -6.93 34.25 -11.47
C SER A 179 -7.87 35.12 -12.30
N THR A 180 -7.45 36.34 -12.58
CA THR A 180 -8.16 37.10 -13.59
C THR A 180 -7.79 36.58 -14.98
N ALA A 181 -8.59 36.98 -15.97
CA ALA A 181 -8.33 36.56 -17.35
C ALA A 181 -6.95 37.02 -17.81
N ARG A 182 -6.53 38.21 -17.39
CA ARG A 182 -5.20 38.71 -17.76
C ARG A 182 -4.10 37.84 -17.14
N GLU A 183 -4.24 37.49 -15.86
CA GLU A 183 -3.26 36.63 -15.21
C GLU A 183 -3.19 35.26 -15.90
N ALA A 184 -4.36 34.69 -16.24
CA ALA A 184 -4.37 33.35 -16.80
C ALA A 184 -3.82 33.33 -18.23
N SER A 185 -4.15 34.34 -19.04
CA SER A 185 -3.66 34.34 -20.41
C SER A 185 -2.17 34.71 -20.47
N ALA A 186 -1.69 35.52 -19.52
CA ALA A 186 -0.26 35.79 -19.43
C ALA A 186 0.52 34.54 -19.02
N ALA A 187 0.00 33.78 -18.06
CA ALA A 187 0.63 32.52 -17.68
C ALA A 187 0.66 31.57 -18.86
N ASN A 188 -0.42 31.57 -19.64
CA ASN A 188 -0.53 30.72 -20.81
C ASN A 188 0.51 31.08 -21.87
N GLN A 189 0.70 32.38 -22.11
CA GLN A 189 1.68 32.83 -23.09
C GLN A 189 3.09 32.52 -22.60
N GLU A 190 3.32 32.69 -21.31
CA GLU A 190 4.59 32.33 -20.71
C GLU A 190 4.96 30.87 -21.02
N LEU A 191 3.97 29.97 -20.94
CA LEU A 191 4.24 28.55 -21.19
C LEU A 191 4.54 28.30 -22.66
N LEU A 192 3.72 28.85 -23.55
CA LEU A 192 3.93 28.68 -24.99
C LEU A 192 5.29 29.23 -25.43
N ASP A 193 5.67 30.41 -24.91
CA ASP A 193 6.95 31.01 -25.30
C ASP A 193 8.12 30.16 -24.83
N TYR A 194 8.02 29.61 -23.61
CA TYR A 194 9.08 28.75 -23.11
C TYR A 194 9.21 27.50 -23.95
N LEU A 195 8.07 26.90 -24.35
CA LEU A 195 8.16 25.66 -25.11
C LEU A 195 8.74 25.90 -26.50
N ALA A 196 8.45 27.06 -27.12
CA ALA A 196 9.00 27.35 -28.44
C ALA A 196 10.51 27.44 -28.39
N ILE A 197 11.04 28.02 -27.31
CA ILE A 197 12.48 28.14 -27.13
C ILE A 197 13.09 26.78 -26.88
N LEU A 198 12.46 25.98 -26.04
CA LEU A 198 12.97 24.63 -25.81
C LEU A 198 12.95 23.81 -27.09
N VAL A 199 11.96 24.03 -27.96
CA VAL A 199 11.93 23.34 -29.25
C VAL A 199 13.09 23.79 -30.14
N GLU A 200 13.36 25.12 -30.20
CA GLU A 200 14.50 25.60 -30.98
C GLU A 200 15.80 24.95 -30.52
N GLN A 201 15.99 24.82 -29.21
CA GLN A 201 17.20 24.25 -28.65
C GLN A 201 17.34 22.77 -28.99
N ARG A 202 16.27 22.02 -28.79
CA ARG A 202 16.33 20.59 -29.06
C ARG A 202 16.47 20.31 -30.54
N LEU A 203 16.06 21.25 -31.39
CA LEU A 203 16.31 21.08 -32.81
C LEU A 203 17.80 21.15 -33.11
N VAL A 204 18.57 21.86 -32.29
CA VAL A 204 20.01 22.01 -32.53
C VAL A 204 20.81 20.93 -31.82
N GLU A 205 20.49 20.65 -30.56
CA GLU A 205 21.07 19.49 -29.87
C GLU A 205 19.95 18.75 -29.17
N PRO A 206 19.49 17.64 -29.75
CA PRO A 206 18.48 16.84 -29.08
C PRO A 206 19.05 16.15 -27.85
N LYS A 207 18.20 16.00 -26.85
CA LYS A 207 18.48 15.22 -25.68
C LYS A 207 17.56 13.99 -25.68
N ASP A 208 17.30 13.43 -24.52
CA ASP A 208 16.48 12.24 -24.38
C ASP A 208 15.18 12.68 -23.70
N ASP A 209 14.29 13.30 -24.47
CA ASP A 209 13.01 13.76 -23.94
C ASP A 209 11.99 13.77 -25.08
N ILE A 210 10.74 14.06 -24.73
CA ILE A 210 9.68 13.97 -25.73
C ILE A 210 9.87 15.00 -26.83
N ILE A 211 10.24 16.23 -26.45
CA ILE A 211 10.42 17.29 -27.44
C ILE A 211 11.55 16.93 -28.40
N SER A 212 12.66 16.37 -27.87
CA SER A 212 13.76 15.89 -28.71
C SER A 212 13.29 14.81 -29.69
N LYS A 213 12.53 13.82 -29.19
CA LYS A 213 12.01 12.80 -30.10
C LYS A 213 11.17 13.43 -31.20
N LEU A 214 10.29 14.37 -30.86
CA LEU A 214 9.49 15.05 -31.89
C LEU A 214 10.36 15.83 -32.87
N CYS A 215 11.34 16.58 -32.37
CA CYS A 215 12.20 17.36 -33.24
C CYS A 215 12.99 16.45 -34.19
N THR A 216 13.54 15.38 -33.65
CA THR A 216 14.38 14.47 -34.45
C THR A 216 13.54 13.63 -35.40
N GLU A 217 12.47 13.02 -34.91
CA GLU A 217 11.75 12.02 -35.69
C GLU A 217 10.64 12.63 -36.55
N GLN A 218 10.21 13.86 -36.29
CA GLN A 218 9.06 14.39 -37.01
C GLN A 218 9.29 15.78 -37.58
N VAL A 219 9.90 16.69 -36.83
CA VAL A 219 10.02 18.06 -37.34
C VAL A 219 11.09 18.13 -38.43
N LYS A 220 12.28 17.61 -38.16
CA LYS A 220 13.35 17.63 -39.15
C LYS A 220 13.01 16.84 -40.41
N PRO A 221 12.45 15.63 -40.36
CA PRO A 221 12.01 14.96 -41.60
C PRO A 221 10.90 15.70 -42.33
N GLY A 222 10.24 16.67 -41.70
CA GLY A 222 9.17 17.41 -42.33
C GLY A 222 7.78 16.87 -42.12
N ASN A 223 7.58 15.88 -41.24
CA ASN A 223 6.23 15.38 -41.00
C ASN A 223 5.37 16.40 -40.26
N ILE A 224 5.99 17.21 -39.42
CA ILE A 224 5.34 18.34 -38.78
C ILE A 224 6.38 19.45 -38.75
N ASP A 225 5.95 20.66 -38.47
CA ASP A 225 6.92 21.69 -38.25
C ASP A 225 6.99 22.04 -36.77
N LYS A 226 7.89 22.97 -36.44
CA LYS A 226 8.24 23.18 -35.04
C LYS A 226 7.07 23.77 -34.25
N SER A 227 6.17 24.49 -34.92
CA SER A 227 5.00 25.03 -34.23
C SER A 227 4.02 23.92 -33.86
N ASP A 228 3.88 22.88 -34.71
CA ASP A 228 3.11 21.72 -34.29
C ASP A 228 3.75 21.08 -33.05
N ALA A 229 5.08 21.01 -33.02
CA ALA A 229 5.76 20.41 -31.88
C ALA A 229 5.45 21.16 -30.60
N VAL A 230 5.43 22.49 -30.66
CA VAL A 230 5.04 23.30 -29.51
C VAL A 230 3.60 22.95 -29.08
N GLN A 231 2.68 22.88 -30.05
CA GLN A 231 1.29 22.64 -29.72
CA GLN A 231 1.28 22.62 -29.76
C GLN A 231 1.10 21.27 -29.08
N ILE A 232 1.75 20.24 -29.62
CA ILE A 232 1.66 18.90 -29.07
C ILE A 232 2.26 18.85 -27.68
N ALA A 233 3.44 19.47 -27.50
CA ALA A 233 4.03 19.54 -26.16
C ALA A 233 3.09 20.24 -25.20
N PHE A 234 2.50 21.36 -25.62
CA PHE A 234 1.58 22.09 -24.75
C PHE A 234 0.38 21.24 -24.36
N LEU A 235 -0.17 20.49 -25.32
CA LEU A 235 -1.29 19.59 -25.06
C LEU A 235 -0.93 18.55 -24.01
N LEU A 236 0.26 17.96 -24.10
CA LEU A 236 0.62 16.93 -23.12
C LEU A 236 0.78 17.53 -21.73
N LEU A 237 1.16 18.80 -21.65
CA LEU A 237 1.28 19.45 -20.35
C LEU A 237 -0.09 19.78 -19.77
N VAL A 238 -0.95 20.46 -20.54
CA VAL A 238 -2.15 21.05 -19.94
C VAL A 238 -3.32 20.08 -19.92
N ALA A 239 -3.26 18.99 -20.70
CA ALA A 239 -4.43 18.12 -20.82
C ALA A 239 -4.73 17.42 -19.49
N GLY A 240 -3.70 17.01 -18.77
CA GLY A 240 -3.96 16.20 -17.60
C GLY A 240 -3.42 16.71 -16.29
N ASN A 241 -2.67 17.81 -16.27
CA ASN A 241 -1.95 18.15 -15.05
C ASN A 241 -2.90 18.57 -13.92
N ALA A 242 -3.82 19.49 -14.20
CA ALA A 242 -4.75 19.94 -13.17
C ALA A 242 -5.62 18.79 -12.66
N THR A 243 -5.93 17.84 -13.55
CA THR A 243 -6.67 16.65 -13.14
C THR A 243 -5.86 15.79 -12.18
N MET A 244 -4.57 15.57 -12.48
CA MET A 244 -3.71 14.80 -11.58
C MET A 244 -3.65 15.43 -10.20
N VAL A 245 -3.49 16.76 -10.14
CA VAL A 245 -3.45 17.47 -8.86
C VAL A 245 -4.74 17.20 -8.08
N ASN A 246 -5.88 17.30 -8.75
CA ASN A 246 -7.15 17.10 -8.08
C ASN A 246 -7.32 15.66 -7.61
N MET A 247 -6.86 14.68 -8.41
CA MET A 247 -7.00 13.29 -8.01
C MET A 247 -6.21 13.00 -6.74
N ILE A 248 -4.98 13.52 -6.67
CA ILE A 248 -4.19 13.32 -5.47
C ILE A 248 -4.89 13.91 -4.26
N ALA A 249 -5.36 15.15 -4.38
CA ALA A 249 -6.01 15.81 -3.25
C ALA A 249 -7.33 15.12 -2.89
N LEU A 250 -8.10 14.70 -3.90
CA LEU A 250 -9.36 14.01 -3.63
C LEU A 250 -9.12 12.67 -2.96
N GLY A 251 -8.02 12.00 -3.31
CA GLY A 251 -7.68 10.73 -2.65
C GLY A 251 -7.45 10.90 -1.17
N VAL A 252 -6.69 11.93 -0.78
CA VAL A 252 -6.46 12.20 0.64
C VAL A 252 -7.77 12.49 1.34
N ALA A 253 -8.57 13.40 0.76
CA ALA A 253 -9.85 13.77 1.37
C ALA A 253 -10.79 12.57 1.48
N THR A 254 -10.88 11.77 0.42
CA THR A 254 -11.72 10.56 0.45
C THR A 254 -11.29 9.60 1.56
N LEU A 255 -9.98 9.40 1.72
CA LEU A 255 -9.49 8.51 2.76
C LEU A 255 -9.79 9.07 4.15
N ALA A 256 -9.72 10.40 4.31
CA ALA A 256 -10.14 11.02 5.56
C ALA A 256 -11.61 10.76 5.84
N GLN A 257 -12.44 10.63 4.81
CA GLN A 257 -13.86 10.39 4.99
C GLN A 257 -14.20 8.93 5.24
N HIS A 258 -13.29 8.01 4.95
CA HIS A 258 -13.54 6.58 5.13
C HIS A 258 -12.44 6.01 6.00
N PRO A 259 -12.49 6.28 7.31
CA PRO A 259 -11.39 5.86 8.20
C PRO A 259 -11.08 4.38 8.12
N ASP A 260 -12.09 3.52 7.95
CA ASP A 260 -11.83 2.08 7.92
C ASP A 260 -10.97 1.70 6.72
N GLN A 261 -11.18 2.36 5.60
CA GLN A 261 -10.39 2.02 4.42
C GLN A 261 -9.00 2.63 4.46
N LEU A 262 -8.86 3.81 5.07
CA LEU A 262 -7.51 4.33 5.32
C LEU A 262 -6.73 3.40 6.23
N ALA A 263 -7.40 2.81 7.23
CA ALA A 263 -6.72 1.88 8.12
C ALA A 263 -6.23 0.66 7.38
N GLN A 264 -7.00 0.16 6.41
CA GLN A 264 -6.54 -0.97 5.60
C GLN A 264 -5.34 -0.59 4.74
N LEU A 265 -5.34 0.62 4.17
CA LEU A 265 -4.20 1.04 3.36
C LEU A 265 -2.94 1.20 4.21
N LYS A 266 -3.08 1.64 5.46
CA LYS A 266 -1.91 1.81 6.31
C LYS A 266 -1.32 0.45 6.65
N ALA A 267 -2.16 -0.55 6.81
CA ALA A 267 -1.69 -1.87 7.20
C ALA A 267 -1.30 -2.73 6.00
N ASN A 268 -1.71 -2.34 4.80
CA ASN A 268 -1.33 -3.07 3.59
C ASN A 268 -1.18 -2.05 2.46
N PRO A 269 0.00 -1.45 2.33
CA PRO A 269 0.23 -0.51 1.22
C PRO A 269 0.02 -1.13 -0.15
N SER A 270 0.07 -2.46 -0.27
CA SER A 270 -0.12 -3.08 -1.57
C SER A 270 -1.55 -2.96 -2.06
N LEU A 271 -2.46 -2.42 -1.25
CA LEU A 271 -3.81 -2.13 -1.68
C LEU A 271 -3.92 -0.83 -2.47
N ALA A 272 -2.83 -0.06 -2.57
CA ALA A 272 -2.84 1.18 -3.33
C ALA A 272 -3.42 1.04 -4.75
N PRO A 273 -3.03 0.04 -5.56
CA PRO A 273 -3.66 -0.10 -6.89
C PRO A 273 -5.17 -0.16 -6.86
N GLN A 274 -5.75 -0.96 -5.96
CA GLN A 274 -7.21 -1.09 -5.89
C GLN A 274 -7.84 0.21 -5.40
N PHE A 275 -7.19 0.88 -4.44
CA PHE A 275 -7.66 2.19 -4.02
C PHE A 275 -7.68 3.17 -5.19
N VAL A 276 -6.64 3.14 -6.04
CA VAL A 276 -6.59 4.04 -7.19
C VAL A 276 -7.70 3.73 -8.19
N GLU A 277 -7.95 2.44 -8.47
CA GLU A 277 -9.01 2.08 -9.42
C GLU A 277 -10.37 2.61 -8.97
N GLU A 278 -10.68 2.45 -7.68
CA GLU A 278 -11.96 2.93 -7.15
C GLU A 278 -11.99 4.46 -7.09
N LEU A 279 -10.88 5.09 -6.70
CA LEU A 279 -10.80 6.56 -6.73
C LEU A 279 -11.16 7.11 -8.11
N CYS A 280 -10.55 6.56 -9.16
CA CYS A 280 -10.80 7.06 -10.50
C CYS A 280 -12.20 6.76 -10.99
N ARG A 281 -12.88 5.75 -10.44
CA ARG A 281 -14.26 5.54 -10.80
C ARG A 281 -15.16 6.52 -10.06
N TYR A 282 -14.94 6.64 -8.76
CA TYR A 282 -15.87 7.36 -7.88
C TYR A 282 -15.77 8.87 -8.10
N HIS A 283 -14.56 9.40 -8.20
CA HIS A 283 -14.27 10.82 -8.46
C HIS A 283 -13.81 10.93 -9.92
N THR A 284 -14.77 11.16 -10.82
CA THR A 284 -14.48 11.30 -12.24
C THR A 284 -14.13 12.76 -12.49
N ALA A 285 -12.85 13.09 -12.30
CA ALA A 285 -12.39 14.47 -12.26
C ALA A 285 -12.28 15.12 -13.63
N SER A 286 -12.35 14.34 -14.71
CA SER A 286 -12.47 14.87 -16.06
C SER A 286 -13.73 14.27 -16.66
N ALA A 287 -14.84 15.02 -16.60
CA ALA A 287 -16.15 14.52 -16.95
C ALA A 287 -16.74 15.14 -18.20
N LEU A 288 -16.05 16.09 -18.85
CA LEU A 288 -16.63 16.80 -19.99
C LEU A 288 -15.79 16.67 -21.27
N ALA A 289 -14.97 15.62 -21.38
CA ALA A 289 -14.09 15.48 -22.52
C ALA A 289 -14.66 14.63 -23.65
N ILE A 290 -15.72 13.86 -23.42
CA ILE A 290 -16.22 12.90 -24.42
C ILE A 290 -17.39 13.58 -25.11
N LYS A 291 -17.07 14.37 -26.12
CA LYS A 291 -18.01 15.16 -26.88
C LYS A 291 -17.84 14.80 -28.35
N ARG A 292 -18.96 14.78 -29.08
CA ARG A 292 -18.95 14.46 -30.49
C ARG A 292 -20.00 15.29 -31.20
N THR A 293 -19.86 15.31 -32.52
CA THR A 293 -20.95 15.67 -33.40
C THR A 293 -21.21 14.51 -34.35
N ALA A 294 -22.47 14.36 -34.77
CA ALA A 294 -22.86 13.23 -35.62
C ALA A 294 -22.59 13.57 -37.08
N LYS A 295 -21.81 12.71 -37.74
CA LYS A 295 -21.60 12.85 -39.18
C LYS A 295 -22.79 12.34 -39.98
N GLU A 296 -23.53 11.39 -39.42
CA GLU A 296 -24.73 10.83 -40.04
C GLU A 296 -25.78 10.69 -38.96
N ASP A 297 -27.04 10.53 -39.37
CA ASP A 297 -28.07 10.12 -38.42
C ASP A 297 -27.62 8.85 -37.70
N VAL A 298 -27.84 8.82 -36.39
CA VAL A 298 -27.42 7.67 -35.59
C VAL A 298 -28.42 7.48 -34.47
N MET A 299 -28.75 6.23 -34.18
CA MET A 299 -29.71 5.89 -33.13
C MET A 299 -28.98 5.50 -31.86
N ILE A 300 -29.37 6.13 -30.75
CA ILE A 300 -28.79 5.86 -29.44
C ILE A 300 -29.93 5.61 -28.49
N GLY A 301 -30.04 4.38 -28.00
CA GLY A 301 -31.20 4.01 -27.22
C GLY A 301 -32.46 4.22 -28.04
N ASP A 302 -33.42 4.96 -27.48
CA ASP A 302 -34.70 5.22 -28.13
C ASP A 302 -34.75 6.57 -28.80
N LYS A 303 -33.60 7.17 -29.06
CA LYS A 303 -33.51 8.50 -29.65
C LYS A 303 -32.78 8.42 -30.97
N LEU A 304 -33.24 9.20 -31.93
CA LEU A 304 -32.52 9.43 -33.18
C LEU A 304 -31.72 10.72 -33.07
N VAL A 305 -30.39 10.62 -33.17
CA VAL A 305 -29.51 11.79 -33.24
C VAL A 305 -29.25 12.10 -34.71
N ARG A 306 -29.67 13.27 -35.16
CA ARG A 306 -29.54 13.67 -36.55
C ARG A 306 -28.12 14.12 -36.83
N ALA A 307 -27.72 14.00 -38.10
CA ALA A 307 -26.44 14.55 -38.54
C ALA A 307 -26.34 16.03 -38.17
N ASN A 308 -25.13 16.44 -37.77
CA ASN A 308 -24.82 17.80 -37.32
C ASN A 308 -25.42 18.13 -35.96
N GLU A 309 -25.84 17.13 -35.19
CA GLU A 309 -26.24 17.35 -33.80
C GLU A 309 -25.14 16.91 -32.86
N GLY A 310 -24.95 17.68 -31.79
CA GLY A 310 -23.89 17.39 -30.83
C GLY A 310 -24.30 16.42 -29.74
N ILE A 311 -23.30 15.64 -29.27
CA ILE A 311 -23.49 14.65 -28.22
C ILE A 311 -22.45 14.90 -27.13
N ILE A 312 -22.89 14.82 -25.89
CA ILE A 312 -22.01 14.80 -24.73
C ILE A 312 -22.24 13.48 -24.01
N ALA A 313 -21.18 12.72 -23.82
CA ALA A 313 -21.26 11.42 -23.15
C ALA A 313 -20.63 11.56 -21.77
N SER A 314 -21.44 11.42 -20.71
CA SER A 314 -20.95 11.63 -19.35
C SER A 314 -20.33 10.35 -18.81
N ASN A 315 -18.99 10.31 -18.78
CA ASN A 315 -18.33 9.19 -18.12
C ASN A 315 -18.50 9.26 -16.60
N GLN A 316 -18.72 10.45 -16.07
CA GLN A 316 -19.03 10.57 -14.65
C GLN A 316 -20.30 9.79 -14.31
N SER A 317 -21.37 10.03 -15.07
CA SER A 317 -22.62 9.28 -14.88
C SER A 317 -22.41 7.79 -15.11
N ALA A 318 -21.68 7.43 -16.18
CA ALA A 318 -21.41 6.03 -16.47
C ALA A 318 -20.66 5.34 -15.33
N ASN A 319 -19.78 6.07 -14.63
CA ASN A 319 -19.05 5.45 -13.53
C ASN A 319 -19.91 5.24 -12.28
N ARG A 320 -21.13 5.78 -12.25
CA ARG A 320 -22.09 5.55 -11.19
C ARG A 320 -23.28 4.71 -11.70
N ASP A 321 -23.12 4.01 -12.82
CA ASP A 321 -24.25 3.34 -13.46
C ASP A 321 -24.62 2.10 -12.66
N GLU A 322 -25.83 2.10 -12.07
CA GLU A 322 -26.28 1.01 -11.18
C GLU A 322 -26.30 -0.32 -11.90
N GLU A 323 -26.49 -0.28 -13.21
CA GLU A 323 -26.57 -1.47 -14.04
C GLU A 323 -25.20 -2.11 -14.27
N VAL A 324 -24.12 -1.42 -13.95
CA VAL A 324 -22.78 -1.92 -14.14
C VAL A 324 -22.06 -2.12 -12.81
N PHE A 325 -22.07 -1.10 -11.96
CA PHE A 325 -21.33 -1.11 -10.69
C PHE A 325 -22.32 -1.23 -9.55
N GLU A 326 -22.27 -2.33 -8.82
CA GLU A 326 -23.14 -2.49 -7.67
C GLU A 326 -22.81 -1.41 -6.63
N ASN A 327 -23.86 -0.87 -6.02
CA ASN A 327 -23.76 0.22 -5.04
C ASN A 327 -22.78 1.28 -5.55
N PRO A 328 -23.08 1.92 -6.69
CA PRO A 328 -22.09 2.82 -7.29
C PRO A 328 -21.79 4.06 -6.47
N ASP A 329 -22.68 4.48 -5.57
CA ASP A 329 -22.43 5.68 -4.80
C ASP A 329 -21.70 5.42 -3.49
N GLU A 330 -21.30 4.18 -3.22
CA GLU A 330 -20.44 3.86 -2.09
C GLU A 330 -19.00 3.81 -2.57
N PHE A 331 -18.09 4.44 -1.83
CA PHE A 331 -16.67 4.28 -2.10
C PHE A 331 -16.19 2.98 -1.45
N ASN A 332 -15.71 2.05 -2.26
CA ASN A 332 -15.35 0.74 -1.71
C ASN A 332 -14.15 0.21 -2.47
N MET A 333 -12.95 0.43 -1.92
CA MET A 333 -11.75 -0.03 -2.58
C MET A 333 -11.67 -1.55 -2.64
N ASN A 334 -12.53 -2.23 -1.89
CA ASN A 334 -12.58 -3.69 -1.89
C ASN A 334 -13.71 -4.21 -2.78
N ARG A 335 -14.30 -3.37 -3.60
CA ARG A 335 -15.39 -3.84 -4.45
C ARG A 335 -14.87 -4.90 -5.42
N LYS A 336 -15.80 -5.71 -5.91
CA LYS A 336 -15.53 -6.65 -6.99
C LYS A 336 -15.82 -5.97 -8.32
N TRP A 337 -14.95 -6.11 -9.24
CA TRP A 337 -15.08 -5.31 -10.45
C TRP A 337 -15.76 -6.10 -11.56
N PRO A 338 -16.76 -5.54 -12.22
CA PRO A 338 -17.44 -6.27 -13.29
C PRO A 338 -16.56 -6.39 -14.51
N PRO A 339 -17.03 -7.03 -15.60
CA PRO A 339 -16.20 -7.06 -16.82
C PRO A 339 -16.04 -5.71 -17.50
N GLN A 340 -16.99 -4.80 -17.35
CA GLN A 340 -16.91 -3.52 -18.03
C GLN A 340 -15.85 -2.62 -17.38
N ASP A 341 -15.12 -1.88 -18.22
CA ASP A 341 -14.13 -0.93 -17.74
C ASP A 341 -14.78 0.27 -17.05
N PRO A 342 -14.22 0.76 -15.95
CA PRO A 342 -14.56 2.12 -15.51
C PRO A 342 -14.01 3.10 -16.52
N LEU A 343 -14.69 4.24 -16.65
CA LEU A 343 -14.46 5.18 -17.75
C LEU A 343 -13.78 6.46 -17.27
N GLY A 344 -13.03 6.39 -16.18
CA GLY A 344 -12.35 7.57 -15.69
C GLY A 344 -11.43 8.19 -16.72
N PHE A 345 -10.87 7.37 -17.61
CA PHE A 345 -9.90 7.84 -18.61
C PHE A 345 -10.48 7.84 -20.02
N GLY A 346 -11.80 7.79 -20.13
CA GLY A 346 -12.41 7.69 -21.44
C GLY A 346 -12.45 6.25 -21.96
N PHE A 347 -12.56 6.14 -23.30
CA PHE A 347 -12.81 4.85 -23.92
C PHE A 347 -12.54 4.98 -25.42
N GLY A 348 -12.18 3.85 -26.05
CA GLY A 348 -11.97 3.85 -27.49
C GLY A 348 -10.62 4.44 -27.89
N ASP A 349 -10.54 4.89 -29.15
CA ASP A 349 -9.25 5.33 -29.70
C ASP A 349 -8.67 6.51 -28.93
N HIS A 350 -9.53 7.42 -28.47
CA HIS A 350 -9.14 8.65 -27.80
C HIS A 350 -8.84 8.46 -26.32
N ARG A 351 -9.03 7.26 -25.78
CA ARG A 351 -8.79 7.00 -24.36
C ARG A 351 -7.45 7.53 -23.90
N CYS A 352 -7.45 8.17 -22.73
CA CYS A 352 -6.32 8.95 -22.21
C CYS A 352 -4.99 8.29 -22.51
N ILE A 353 -4.16 9.02 -23.27
CA ILE A 353 -2.85 8.51 -23.63
C ILE A 353 -2.02 8.25 -22.38
N ALA A 354 -2.28 8.98 -21.29
CA ALA A 354 -1.46 8.88 -20.09
C ALA A 354 -2.10 8.04 -18.98
N GLU A 355 -3.04 7.16 -19.33
CA GLU A 355 -3.73 6.37 -18.32
C GLU A 355 -2.75 5.60 -17.44
N HIS A 356 -1.78 4.92 -18.06
CA HIS A 356 -0.82 4.11 -17.30
C HIS A 356 0.11 4.99 -16.47
N LEU A 357 0.54 6.12 -17.04
CA LEU A 357 1.37 7.04 -16.27
C LEU A 357 0.60 7.60 -15.09
N ALA A 358 -0.63 8.07 -15.35
CA ALA A 358 -1.46 8.65 -14.28
C ALA A 358 -1.68 7.64 -13.15
N LYS A 359 -2.03 6.40 -13.50
CA LYS A 359 -2.25 5.39 -12.47
C LYS A 359 -0.97 5.05 -11.74
N ALA A 360 0.15 4.99 -12.45
CA ALA A 360 1.43 4.71 -11.79
C ALA A 360 1.81 5.84 -10.84
N GLU A 361 1.55 7.10 -11.21
CA GLU A 361 1.74 8.21 -10.29
C GLU A 361 0.82 8.09 -9.08
N LEU A 362 -0.48 7.87 -9.32
CA LEU A 362 -1.44 7.78 -8.22
C LEU A 362 -1.10 6.61 -7.29
N THR A 363 -0.72 5.47 -7.87
CA THR A 363 -0.37 4.29 -7.08
C THR A 363 0.90 4.53 -6.26
N THR A 364 1.90 5.16 -6.86
CA THR A 364 3.12 5.48 -6.10
C THR A 364 2.81 6.42 -4.93
N VAL A 365 1.94 7.42 -5.16
CA VAL A 365 1.57 8.35 -4.09
C VAL A 365 0.91 7.60 -2.93
N PHE A 366 -0.10 6.78 -3.25
CA PHE A 366 -0.89 6.24 -2.16
C PHE A 366 -0.28 5.01 -1.53
N SER A 367 0.77 4.44 -2.13
CA SER A 367 1.50 3.39 -1.44
C SER A 367 2.63 3.94 -0.58
N THR A 368 2.95 5.24 -0.70
CA THR A 368 4.05 5.88 0.00
C THR A 368 3.61 6.89 1.05
N LEU A 369 2.55 7.65 0.75
CA LEU A 369 2.21 8.84 1.52
C LEU A 369 2.05 8.53 3.01
N TYR A 370 1.28 7.47 3.35
CA TYR A 370 1.01 7.15 4.74
C TYR A 370 2.10 6.32 5.39
N GLN A 371 2.99 5.71 4.61
CA GLN A 371 4.20 5.16 5.20
C GLN A 371 5.14 6.26 5.65
N LYS A 372 5.17 7.38 4.92
CA LYS A 372 6.00 8.49 5.29
C LYS A 372 5.36 9.29 6.41
N PHE A 373 4.06 9.52 6.33
CA PHE A 373 3.32 10.32 7.29
C PHE A 373 2.16 9.50 7.83
N PRO A 374 2.43 8.53 8.73
CA PRO A 374 1.34 7.69 9.25
C PRO A 374 0.28 8.46 10.02
N ASP A 375 0.58 9.66 10.50
CA ASP A 375 -0.43 10.46 11.19
C ASP A 375 -0.92 11.65 10.36
N LEU A 376 -0.81 11.57 9.03
CA LEU A 376 -1.34 12.65 8.19
C LEU A 376 -2.84 12.83 8.42
N LYS A 377 -3.24 14.07 8.75
CA LYS A 377 -4.64 14.39 9.02
C LYS A 377 -5.03 15.66 8.27
N VAL A 378 -6.23 15.66 7.69
CA VAL A 378 -6.79 16.91 7.20
C VAL A 378 -7.06 17.80 8.39
N ALA A 379 -6.60 19.04 8.32
CA ALA A 379 -6.56 19.89 9.50
C ALA A 379 -7.83 20.70 9.70
N VAL A 380 -8.72 20.74 8.72
CA VAL A 380 -9.98 21.48 8.84
C VAL A 380 -11.11 20.45 8.91
N PRO A 381 -12.28 20.79 9.43
CA PRO A 381 -13.39 19.84 9.42
C PRO A 381 -13.72 19.44 8.00
N LEU A 382 -14.00 18.16 7.80
CA LEU A 382 -14.17 17.64 6.44
C LEU A 382 -15.27 18.38 5.70
N GLY A 383 -16.31 18.83 6.41
CA GLY A 383 -17.33 19.65 5.77
C GLY A 383 -16.85 21.00 5.30
N LYS A 384 -15.64 21.42 5.69
CA LYS A 384 -15.11 22.71 5.29
C LYS A 384 -14.01 22.60 4.23
N ILE A 385 -13.82 21.42 3.63
CA ILE A 385 -12.85 21.28 2.55
C ILE A 385 -13.24 22.22 1.40
N ASN A 386 -12.25 22.95 0.89
CA ASN A 386 -12.49 23.89 -0.20
C ASN A 386 -12.47 23.12 -1.53
N TYR A 387 -13.63 22.62 -1.93
CA TYR A 387 -13.76 21.99 -3.25
C TYR A 387 -13.79 23.05 -4.36
N THR A 388 -13.50 22.60 -5.59
CA THR A 388 -13.68 23.45 -6.76
C THR A 388 -15.13 23.95 -6.84
N PRO A 389 -15.39 25.02 -7.58
CA PRO A 389 -16.77 25.51 -7.73
C PRO A 389 -17.68 24.43 -8.32
N LEU A 390 -18.93 24.44 -7.87
CA LEU A 390 -19.88 23.37 -8.22
C LEU A 390 -20.19 23.29 -9.70
N ASN A 391 -19.90 24.35 -10.48
CA ASN A 391 -20.12 24.38 -11.91
C ASN A 391 -18.92 23.85 -12.70
N ARG A 392 -17.90 23.35 -12.00
CA ARG A 392 -16.68 22.82 -12.59
CA ARG A 392 -16.70 22.81 -12.64
C ARG A 392 -16.55 21.33 -12.29
N ASP A 393 -15.55 20.72 -12.91
CA ASP A 393 -15.17 19.35 -12.58
C ASP A 393 -14.80 19.26 -11.11
N VAL A 394 -15.07 18.09 -10.51
CA VAL A 394 -14.77 17.90 -9.09
C VAL A 394 -13.27 18.01 -8.86
N GLY A 395 -12.91 18.63 -7.74
CA GLY A 395 -11.52 18.85 -7.40
C GLY A 395 -11.45 19.54 -6.06
N ILE A 396 -10.22 19.76 -5.60
CA ILE A 396 -9.96 20.43 -4.34
C ILE A 396 -8.95 21.54 -4.58
N VAL A 397 -9.27 22.74 -4.10
CA VAL A 397 -8.43 23.90 -4.39
C VAL A 397 -7.20 23.94 -3.49
N ASP A 398 -7.38 23.69 -2.20
CA ASP A 398 -6.32 23.66 -1.22
C ASP A 398 -6.75 22.68 -0.15
N LEU A 399 -5.77 22.08 0.54
CA LEU A 399 -6.07 21.03 1.52
C LEU A 399 -5.10 21.13 2.69
N PRO A 400 -5.45 21.88 3.73
CA PRO A 400 -4.56 22.01 4.89
C PRO A 400 -4.43 20.69 5.63
N VAL A 401 -3.19 20.26 5.87
CA VAL A 401 -2.92 19.03 6.59
C VAL A 401 -1.89 19.28 7.69
N ILE A 402 -1.93 18.41 8.69
CA ILE A 402 -0.86 18.30 9.67
C ILE A 402 -0.41 16.85 9.65
N PHE A 403 0.78 16.61 10.19
CA PHE A 403 1.34 15.28 10.24
C PHE A 403 2.38 15.21 11.34
N ALA B 5 17.42 13.16 18.27
CA ALA B 5 16.79 11.92 18.76
C ALA B 5 15.72 11.44 17.79
N PRO B 6 16.06 10.49 16.92
CA PRO B 6 15.13 10.06 15.87
C PRO B 6 13.94 9.29 16.40
N SER B 7 12.89 9.27 15.59
CA SER B 7 11.65 8.59 15.97
C SER B 7 11.78 7.08 15.76
N PHE B 8 11.37 6.30 16.76
CA PHE B 8 11.49 4.85 16.72
C PHE B 8 10.11 4.24 17.01
N PRO B 9 9.74 3.14 16.32
CA PRO B 9 10.51 2.28 15.42
C PRO B 9 11.00 2.94 14.14
N PHE B 10 12.18 2.53 13.68
CA PHE B 10 12.68 2.91 12.36
C PHE B 10 11.92 2.15 11.28
N SER B 11 11.90 2.72 10.08
CA SER B 11 11.31 2.06 8.94
C SER B 11 12.36 1.22 8.24
N ARG B 12 11.95 0.06 7.75
CA ARG B 12 12.88 -0.80 7.03
C ARG B 12 13.41 -0.08 5.80
N ALA B 13 14.64 -0.39 5.43
CA ALA B 13 15.25 0.27 4.27
C ALA B 13 14.53 -0.07 2.98
N SER B 14 13.96 -1.27 2.90
CA SER B 14 13.18 -1.73 1.76
C SER B 14 12.38 -2.93 2.25
N GLY B 15 11.54 -3.48 1.38
CA GLY B 15 10.69 -4.60 1.72
C GLY B 15 11.32 -5.63 2.64
N PRO B 16 12.39 -6.28 2.19
CA PRO B 16 13.03 -7.35 2.98
C PRO B 16 14.23 -6.93 3.82
N GLU B 17 14.60 -5.63 3.84
CA GLU B 17 15.83 -5.21 4.49
C GLU B 17 15.56 -4.60 5.86
N PRO B 18 16.49 -4.76 6.80
CA PRO B 18 16.37 -4.09 8.11
C PRO B 18 16.47 -2.58 7.94
N PRO B 19 16.06 -1.80 8.93
CA PRO B 19 16.31 -0.35 8.89
C PRO B 19 17.78 -0.05 8.66
N ALA B 20 18.06 0.96 7.83
CA ALA B 20 19.44 1.32 7.56
C ALA B 20 20.11 1.94 8.78
N GLU B 21 19.33 2.54 9.69
CA GLU B 21 19.90 3.18 10.87
C GLU B 21 20.82 2.26 11.65
N PHE B 22 20.52 0.96 11.66
CA PHE B 22 21.19 0.06 12.62
C PHE B 22 22.69 -0.04 12.32
N ALA B 23 23.05 -0.22 11.05
CA ALA B 23 24.46 -0.35 10.67
C ALA B 23 25.26 0.88 11.08
N LYS B 24 24.69 2.08 10.87
CA LYS B 24 25.38 3.31 11.24
C LYS B 24 25.51 3.43 12.76
N LEU B 25 24.48 3.03 13.50
CA LEU B 25 24.56 3.10 14.95
C LEU B 25 25.57 2.10 15.50
N ARG B 26 25.63 0.88 14.94
CA ARG B 26 26.60 -0.10 15.45
C ARG B 26 28.02 0.42 15.34
N ALA B 27 28.31 1.23 14.31
CA ALA B 27 29.66 1.70 14.08
C ALA B 27 29.97 3.01 14.81
N THR B 28 28.98 3.89 14.99
CA THR B 28 29.24 5.23 15.52
C THR B 28 28.57 5.54 16.86
N ASN B 29 27.53 4.82 17.26
CA ASN B 29 26.84 5.17 18.51
C ASN B 29 25.99 3.98 18.95
N PRO B 30 26.61 2.87 19.38
CA PRO B 30 25.85 1.62 19.52
C PRO B 30 24.81 1.64 20.62
N VAL B 31 24.86 2.59 21.54
CA VAL B 31 23.84 2.79 22.57
C VAL B 31 23.39 4.24 22.47
N SER B 32 22.17 4.46 21.97
CA SER B 32 21.71 5.81 21.64
C SER B 32 20.28 5.99 22.10
N GLN B 33 19.82 7.24 22.08
CA GLN B 33 18.44 7.55 22.45
C GLN B 33 17.56 7.73 21.23
N VAL B 34 16.30 7.32 21.37
CA VAL B 34 15.29 7.45 20.33
C VAL B 34 14.03 8.00 20.96
N LYS B 35 13.20 8.60 20.14
CA LYS B 35 11.95 9.21 20.57
C LYS B 35 10.80 8.27 20.24
N LEU B 36 10.01 7.93 21.24
CA LEU B 36 8.87 7.03 21.04
C LEU B 36 7.64 7.84 20.63
N PHE B 37 6.54 7.12 20.40
CA PHE B 37 5.35 7.72 19.79
C PHE B 37 4.78 8.85 20.65
N ASP B 38 4.79 8.70 21.97
CA ASP B 38 4.27 9.70 22.90
C ASP B 38 5.30 10.77 23.28
N GLY B 39 6.34 10.96 22.46
CA GLY B 39 7.37 11.93 22.74
C GLY B 39 8.43 11.49 23.71
N SER B 40 8.18 10.45 24.52
CA SER B 40 9.13 10.01 25.52
C SER B 40 10.37 9.40 24.88
N LEU B 41 11.47 9.37 25.63
CA LEU B 41 12.76 8.92 25.13
C LEU B 41 13.11 7.53 25.67
N ALA B 42 13.77 6.74 24.84
CA ALA B 42 14.22 5.43 25.25
C ALA B 42 15.62 5.19 24.72
N TRP B 43 16.33 4.28 25.37
CA TRP B 43 17.64 3.85 24.91
C TRP B 43 17.49 2.72 23.91
N LEU B 44 18.24 2.81 22.82
CA LEU B 44 18.27 1.77 21.78
C LEU B 44 19.64 1.11 21.79
N VAL B 45 19.66 -0.21 21.96
CA VAL B 45 20.87 -1.00 22.01
C VAL B 45 20.94 -1.81 20.71
N THR B 46 22.09 -1.78 20.04
CA THR B 46 22.19 -2.33 18.69
C THR B 46 23.23 -3.44 18.51
N LYS B 47 24.16 -3.62 19.46
CA LYS B 47 25.24 -4.58 19.27
C LYS B 47 24.92 -5.89 19.98
N HIS B 48 25.36 -6.99 19.35
CA HIS B 48 25.06 -8.31 19.88
C HIS B 48 25.42 -8.43 21.36
N LYS B 49 26.62 -7.96 21.73
CA LYS B 49 27.05 -8.09 23.12
C LYS B 49 26.13 -7.31 24.06
N ASP B 50 25.67 -6.13 23.65
CA ASP B 50 24.83 -5.31 24.52
C ASP B 50 23.40 -5.85 24.61
N VAL B 51 22.85 -6.33 23.50
CA VAL B 51 21.52 -6.98 23.52
C VAL B 51 21.54 -8.12 24.51
N CYS B 52 22.56 -8.98 24.44
CA CYS B 52 22.71 -10.07 25.38
C CYS B 52 22.74 -9.56 26.82
N PHE B 53 23.39 -8.42 27.05
CA PHE B 53 23.42 -7.87 28.40
C PHE B 53 22.03 -7.39 28.81
N VAL B 54 21.33 -6.69 27.94
CA VAL B 54 20.00 -6.21 28.30
C VAL B 54 19.08 -7.41 28.59
N ALA B 55 19.20 -8.48 27.79
CA ALA B 55 18.33 -9.63 27.97
C ALA B 55 18.55 -10.35 29.28
N THR B 56 19.75 -10.24 29.86
CA THR B 56 20.09 -11.03 31.05
C THR B 56 20.28 -10.21 32.33
N SER B 57 20.33 -8.89 32.26
CA SER B 57 20.69 -8.12 33.45
C SER B 57 19.56 -8.13 34.46
N GLU B 58 19.91 -8.43 35.71
CA GLU B 58 18.95 -8.41 36.80
C GLU B 58 18.58 -7.00 37.25
N LYS B 59 19.28 -5.97 36.76
CA LYS B 59 18.92 -4.59 37.05
C LYS B 59 17.75 -4.09 36.22
N LEU B 60 17.26 -4.92 35.29
CA LEU B 60 16.26 -4.51 34.31
C LEU B 60 14.99 -5.32 34.52
N SER B 61 13.87 -4.75 34.09
CA SER B 61 12.56 -5.32 34.38
C SER B 61 11.67 -5.31 33.15
N LYS B 62 10.87 -6.36 33.00
CA LYS B 62 9.86 -6.42 31.96
C LYS B 62 8.48 -5.93 32.40
N VAL B 63 8.33 -5.53 33.67
CA VAL B 63 7.02 -5.17 34.21
C VAL B 63 6.53 -3.89 33.54
N ARG B 64 5.39 -3.98 32.86
CA ARG B 64 4.97 -2.88 31.99
C ARG B 64 4.25 -1.77 32.73
N THR B 65 3.90 -1.97 33.99
CA THR B 65 3.32 -0.91 34.80
C THR B 65 4.37 -0.09 35.54
N ARG B 66 5.66 -0.39 35.32
CA ARG B 66 6.72 0.44 35.86
C ARG B 66 6.88 1.73 35.06
N GLN B 67 7.26 2.79 35.77
CA GLN B 67 7.58 4.05 35.12
C GLN B 67 8.63 3.84 34.03
N GLY B 68 8.41 4.46 32.88
CA GLY B 68 9.39 4.43 31.82
C GLY B 68 9.38 3.23 30.90
N PHE B 69 8.45 2.28 31.07
CA PHE B 69 8.43 1.14 30.17
C PHE B 69 8.20 1.64 28.73
N PRO B 70 8.95 1.12 27.77
CA PRO B 70 8.89 1.70 26.41
C PRO B 70 7.82 1.07 25.52
N GLU B 71 6.57 1.51 25.71
CA GLU B 71 5.50 1.10 24.81
C GLU B 71 5.66 1.83 23.49
N LEU B 72 5.39 1.13 22.40
CA LEU B 72 5.69 1.63 21.07
C LEU B 72 4.48 2.21 20.33
N SER B 73 3.28 2.10 20.89
CA SER B 73 2.11 2.67 20.26
C SER B 73 1.03 2.87 21.33
N ALA B 74 -0.06 3.52 20.92
CA ALA B 74 -1.18 3.73 21.83
C ALA B 74 -1.79 2.39 22.25
N SER B 75 -1.86 1.45 21.30
CA SER B 75 -2.41 0.13 21.60
C SER B 75 -1.67 -0.53 22.75
N GLY B 76 -0.34 -0.54 22.69
CA GLY B 76 0.42 -1.16 23.75
C GLY B 76 0.21 -0.50 25.11
N LYS B 77 -0.03 0.82 25.11
CA LYS B 77 -0.08 1.53 26.40
C LYS B 77 -1.33 1.14 27.19
N GLN B 78 -2.43 0.84 26.52
CA GLN B 78 -3.59 0.31 27.22
C GLN B 78 -3.52 -1.20 27.41
N ALA B 79 -2.87 -1.92 26.49
CA ALA B 79 -2.63 -3.36 26.68
C ALA B 79 -1.85 -3.64 27.97
N ALA B 80 -1.08 -2.66 28.46
CA ALA B 80 -0.36 -2.81 29.71
C ALA B 80 -1.26 -2.83 30.93
N LYS B 81 -2.56 -2.56 30.77
CA LYS B 81 -3.44 -2.49 31.93
C LYS B 81 -3.89 -3.87 32.40
N ALA B 82 -4.01 -4.82 31.49
CA ALA B 82 -4.52 -6.14 31.82
C ALA B 82 -3.62 -6.82 32.87
N LYS B 83 -4.19 -7.84 33.53
CA LYS B 83 -3.42 -8.66 34.44
C LYS B 83 -2.31 -9.37 33.68
N PRO B 84 -1.06 -9.30 34.11
CA PRO B 84 0.04 -9.82 33.30
C PRO B 84 0.13 -11.35 33.31
N THR B 85 0.63 -11.89 32.21
CA THR B 85 1.14 -13.25 32.12
C THR B 85 2.66 -13.23 32.17
N PHE B 86 3.27 -14.42 32.09
CA PHE B 86 4.69 -14.56 32.37
C PHE B 86 5.57 -13.82 31.36
N VAL B 87 5.05 -13.47 30.18
CA VAL B 87 5.84 -12.71 29.21
C VAL B 87 6.21 -11.34 29.77
N ASP B 88 5.43 -10.85 30.72
CA ASP B 88 5.59 -9.51 31.28
C ASP B 88 5.94 -9.55 32.77
N MET B 89 6.51 -10.65 33.26
CA MET B 89 6.91 -10.77 34.64
C MET B 89 8.43 -10.84 34.79
N ASP B 90 8.88 -10.58 36.01
CA ASP B 90 10.26 -10.74 36.43
C ASP B 90 10.40 -11.96 37.34
N PRO B 91 11.62 -12.45 37.55
CA PRO B 91 11.82 -13.46 38.60
C PRO B 91 11.30 -12.91 39.92
N PRO B 92 10.73 -13.78 40.77
CA PRO B 92 10.60 -15.21 40.51
C PRO B 92 9.23 -15.62 39.94
N GLU B 93 8.31 -14.66 39.75
CA GLU B 93 7.00 -15.01 39.20
C GLU B 93 7.12 -15.52 37.77
N HIS B 94 8.09 -15.01 37.00
CA HIS B 94 8.26 -15.41 35.61
C HIS B 94 8.34 -16.93 35.46
N MET B 95 9.35 -17.55 36.06
CA MET B 95 9.53 -18.99 35.88
C MET B 95 8.51 -19.82 36.64
N HIS B 96 7.89 -19.26 37.68
CA HIS B 96 6.81 -19.95 38.36
C HIS B 96 5.65 -20.22 37.42
N GLN B 97 5.19 -19.18 36.71
CA GLN B 97 4.09 -19.38 35.78
C GLN B 97 4.56 -20.05 34.48
N ARG B 98 5.73 -19.65 33.96
CA ARG B 98 6.21 -20.23 32.71
C ARG B 98 6.45 -21.74 32.84
N SER B 99 6.91 -22.20 34.00
CA SER B 99 7.11 -23.63 34.20
C SER B 99 5.80 -24.42 34.11
N MET B 100 4.64 -23.76 34.21
CA MET B 100 3.37 -24.48 34.09
C MET B 100 3.15 -25.02 32.69
N VAL B 101 3.69 -24.36 31.67
CA VAL B 101 3.45 -24.78 30.29
C VAL B 101 4.70 -25.25 29.57
N GLU B 102 5.88 -25.08 30.17
CA GLU B 102 7.12 -25.44 29.50
C GLU B 102 7.26 -26.92 29.15
N PRO B 103 6.74 -27.89 29.92
CA PRO B 103 6.92 -29.31 29.56
C PRO B 103 6.59 -29.65 28.12
N THR B 104 5.60 -28.98 27.52
CA THR B 104 5.21 -29.32 26.15
C THR B 104 6.22 -28.83 25.13
N PHE B 105 7.12 -27.92 25.51
CA PHE B 105 8.01 -27.24 24.57
C PHE B 105 9.48 -27.62 24.75
N THR B 106 9.78 -28.59 25.60
CA THR B 106 11.15 -29.03 25.74
C THR B 106 11.62 -29.71 24.45
N PRO B 107 12.94 -29.76 24.24
CA PRO B 107 13.44 -30.48 23.06
C PRO B 107 12.92 -31.91 22.96
N GLU B 108 12.85 -32.62 24.09
CA GLU B 108 12.34 -33.99 24.10
C GLU B 108 10.89 -34.05 23.63
N ALA B 109 10.03 -33.16 24.14
CA ALA B 109 8.62 -33.21 23.75
C ALA B 109 8.44 -32.85 22.28
N VAL B 110 9.23 -31.89 21.77
CA VAL B 110 9.13 -31.53 20.36
C VAL B 110 9.62 -32.68 19.48
N LYS B 111 10.61 -33.44 19.93
CA LYS B 111 10.97 -34.66 19.21
C LYS B 111 9.79 -35.61 19.11
N ASN B 112 9.06 -35.82 20.21
CA ASN B 112 7.92 -36.72 20.18
C ASN B 112 6.81 -36.22 19.27
N LEU B 113 6.72 -34.90 19.07
CA LEU B 113 5.71 -34.32 18.20
C LEU B 113 6.07 -34.40 16.72
N GLN B 114 7.29 -34.80 16.39
CA GLN B 114 7.74 -34.79 14.99
C GLN B 114 6.83 -35.54 14.03
N PRO B 115 6.37 -36.77 14.32
CA PRO B 115 5.45 -37.42 13.36
C PRO B 115 4.21 -36.59 13.10
N TYR B 116 3.70 -35.95 14.14
CA TYR B 116 2.48 -35.16 13.98
C TYR B 116 2.75 -33.87 13.19
N ILE B 117 3.89 -33.22 13.44
CA ILE B 117 4.25 -32.05 12.65
C ILE B 117 4.38 -32.43 11.17
N GLN B 118 5.09 -33.53 10.90
CA GLN B 118 5.23 -33.99 9.52
C GLN B 118 3.86 -34.28 8.90
N ARG B 119 2.98 -34.94 9.65
CA ARG B 119 1.67 -35.29 9.12
C ARG B 119 0.88 -34.04 8.76
N THR B 120 0.94 -33.02 9.61
CA THR B 120 0.22 -31.78 9.36
C THR B 120 0.72 -31.09 8.10
N VAL B 121 2.05 -31.00 7.94
CA VAL B 121 2.62 -30.39 6.75
C VAL B 121 2.28 -31.22 5.50
N ASP B 122 2.33 -32.55 5.61
CA ASP B 122 1.98 -33.40 4.47
C ASP B 122 0.53 -33.21 4.07
N ASP B 123 -0.38 -33.20 5.04
CA ASP B 123 -1.80 -33.08 4.73
C ASP B 123 -2.10 -31.75 4.07
N LEU B 124 -1.47 -30.68 4.55
CA LEU B 124 -1.75 -29.36 3.99
C LEU B 124 -1.15 -29.22 2.60
N LEU B 125 0.07 -29.76 2.38
CA LEU B 125 0.65 -29.77 1.05
C LEU B 125 -0.21 -30.54 0.07
N GLU B 126 -0.77 -31.67 0.54
CA GLU B 126 -1.61 -32.49 -0.34
C GLU B 126 -2.92 -31.78 -0.67
N GLN B 127 -3.53 -31.09 0.31
CA GLN B 127 -4.69 -30.28 0.00
C GLN B 127 -4.36 -29.20 -1.03
N MET B 128 -3.17 -28.60 -0.92
CA MET B 128 -2.79 -27.57 -1.88
C MET B 128 -2.63 -28.17 -3.27
N LYS B 129 -1.98 -29.34 -3.35
CA LYS B 129 -1.90 -30.07 -4.60
C LYS B 129 -3.29 -30.36 -5.17
N GLN B 130 -4.24 -30.77 -4.30
CA GLN B 130 -5.57 -31.06 -4.78
C GLN B 130 -6.25 -29.81 -5.32
N LYS B 131 -6.12 -28.69 -4.63
CA LYS B 131 -6.70 -27.44 -5.12
C LYS B 131 -6.03 -27.01 -6.42
N GLY B 132 -4.71 -27.22 -6.53
CA GLY B 132 -3.97 -26.90 -7.73
C GLY B 132 -3.91 -25.43 -8.07
N CYS B 133 -3.20 -25.11 -9.15
CA CYS B 133 -3.14 -23.76 -9.68
C CYS B 133 -3.49 -23.77 -11.17
N ALA B 134 -4.54 -24.51 -11.54
CA ALA B 134 -4.95 -24.63 -12.93
C ALA B 134 -5.48 -23.33 -13.52
N ASN B 135 -5.95 -22.39 -12.69
CA ASN B 135 -6.56 -21.16 -13.18
C ASN B 135 -5.79 -19.92 -12.74
N GLY B 136 -4.54 -20.08 -12.35
CA GLY B 136 -3.76 -18.97 -11.88
C GLY B 136 -3.03 -19.29 -10.59
N PRO B 137 -2.14 -18.38 -10.17
CA PRO B 137 -1.36 -18.63 -8.95
C PRO B 137 -2.27 -18.68 -7.74
N VAL B 138 -1.79 -19.35 -6.70
CA VAL B 138 -2.49 -19.38 -5.41
C VAL B 138 -1.60 -18.72 -4.36
N ASP B 139 -2.26 -18.22 -3.32
CA ASP B 139 -1.56 -17.53 -2.24
C ASP B 139 -1.00 -18.56 -1.27
N LEU B 140 0.33 -18.73 -1.30
CA LEU B 140 0.98 -19.64 -0.38
C LEU B 140 0.71 -19.30 1.07
N VAL B 141 0.52 -18.02 1.38
CA VAL B 141 0.27 -17.64 2.76
C VAL B 141 -1.08 -18.19 3.21
N LYS B 142 -2.15 -17.90 2.46
CA LYS B 142 -3.46 -18.39 2.87
C LYS B 142 -3.54 -19.91 2.78
N GLU B 143 -2.94 -20.52 1.75
CA GLU B 143 -3.11 -21.95 1.55
C GLU B 143 -2.19 -22.80 2.41
N PHE B 144 -1.07 -22.26 2.90
CA PHE B 144 -0.09 -23.14 3.53
C PHE B 144 0.63 -22.51 4.71
N ALA B 145 1.20 -21.32 4.52
CA ALA B 145 1.99 -20.69 5.58
C ALA B 145 1.12 -20.35 6.80
N LEU B 146 -0.16 -20.02 6.58
CA LEU B 146 -1.04 -19.69 7.69
C LEU B 146 -1.55 -20.95 8.42
N PRO B 147 -2.12 -21.96 7.75
CA PRO B 147 -2.64 -23.12 8.49
C PRO B 147 -1.59 -24.00 9.16
N VAL B 148 -0.37 -24.09 8.64
CA VAL B 148 0.62 -24.99 9.26
C VAL B 148 0.84 -24.60 10.73
N PRO B 149 1.29 -23.39 11.06
CA PRO B 149 1.49 -23.10 12.50
C PRO B 149 0.18 -23.04 13.27
N SER B 150 -0.88 -22.52 12.66
CA SER B 150 -2.15 -22.38 13.38
C SER B 150 -2.71 -23.73 13.79
N TYR B 151 -2.75 -24.69 12.85
CA TYR B 151 -3.31 -26.02 13.16
C TYR B 151 -2.53 -26.70 14.27
N ILE B 152 -1.20 -26.53 14.27
CA ILE B 152 -0.37 -27.20 15.26
C ILE B 152 -0.60 -26.61 16.66
N ILE B 153 -0.54 -25.27 16.79
CA ILE B 153 -0.69 -24.68 18.13
C ILE B 153 -2.11 -24.85 18.65
N TYR B 154 -3.11 -24.69 17.78
CA TYR B 154 -4.50 -24.91 18.19
C TYR B 154 -4.70 -26.34 18.70
N THR B 155 -4.09 -27.31 18.01
CA THR B 155 -4.23 -28.70 18.41
C THR B 155 -3.54 -28.98 19.74
N LEU B 156 -2.33 -28.43 19.93
CA LEU B 156 -1.64 -28.58 21.22
C LEU B 156 -2.47 -27.98 22.36
N LEU B 157 -3.12 -26.86 22.10
CA LEU B 157 -3.94 -26.24 23.14
C LEU B 157 -5.17 -27.07 23.44
N GLY B 158 -5.70 -27.80 22.45
CA GLY B 158 -6.81 -28.70 22.71
C GLY B 158 -8.03 -28.44 21.84
N VAL B 159 -7.87 -27.62 20.82
CA VAL B 159 -8.98 -27.30 19.91
C VAL B 159 -9.30 -28.52 19.06
N PRO B 160 -10.57 -28.92 18.95
CA PRO B 160 -10.92 -30.10 18.14
C PRO B 160 -10.77 -29.83 16.66
N PHE B 161 -10.53 -30.91 15.92
CA PHE B 161 -10.15 -30.79 14.51
C PHE B 161 -11.19 -30.01 13.72
N ASN B 162 -12.48 -30.16 14.04
CA ASN B 162 -13.54 -29.53 13.26
C ASN B 162 -13.51 -28.00 13.33
N ASP B 163 -12.95 -27.44 14.38
CA ASP B 163 -12.98 -26.00 14.60
C ASP B 163 -11.75 -25.27 14.07
N LEU B 164 -10.76 -26.02 13.56
CA LEU B 164 -9.46 -25.45 13.21
C LEU B 164 -9.56 -24.45 12.08
N GLU B 165 -10.33 -24.77 11.04
CA GLU B 165 -10.37 -23.89 9.88
C GLU B 165 -10.97 -22.53 10.22
N TYR B 166 -12.08 -22.53 10.94
CA TYR B 166 -12.68 -21.26 11.32
C TYR B 166 -11.77 -20.46 12.26
N LEU B 167 -11.22 -21.11 13.30
CA LEU B 167 -10.39 -20.37 14.24
C LEU B 167 -9.11 -19.89 13.58
N THR B 168 -8.62 -20.63 12.57
CA THR B 168 -7.43 -20.19 11.85
C THR B 168 -7.71 -18.89 11.10
N GLN B 169 -8.91 -18.72 10.55
CA GLN B 169 -9.23 -17.45 9.93
C GLN B 169 -9.59 -16.37 10.95
N GLN B 170 -10.14 -16.73 12.10
CA GLN B 170 -10.37 -15.73 13.15
C GLN B 170 -9.05 -15.16 13.64
N ASN B 171 -8.06 -16.02 13.87
CA ASN B 171 -6.80 -15.51 14.39
C ASN B 171 -6.05 -14.69 13.33
N ALA B 172 -6.27 -15.00 12.05
CA ALA B 172 -5.69 -14.15 11.00
C ALA B 172 -6.38 -12.79 10.94
N ILE B 173 -7.71 -12.75 11.05
CA ILE B 173 -8.46 -11.48 10.96
C ILE B 173 -7.95 -10.48 11.98
N ARG B 174 -7.75 -10.92 13.23
CA ARG B 174 -7.35 -9.97 14.28
C ARG B 174 -5.97 -9.39 14.03
N THR B 175 -5.13 -10.09 13.26
CA THR B 175 -3.76 -9.68 12.97
C THR B 175 -3.61 -8.99 11.60
N ASN B 176 -4.54 -9.25 10.68
CA ASN B 176 -4.42 -8.88 9.27
C ASN B 176 -4.84 -7.43 9.01
N GLY B 177 -4.26 -6.85 7.95
CA GLY B 177 -4.55 -5.46 7.63
C GLY B 177 -5.95 -5.22 7.09
N SER B 178 -6.46 -6.12 6.24
CA SER B 178 -7.75 -5.93 5.58
C SER B 178 -8.91 -6.02 6.56
N SER B 179 -8.62 -5.89 7.84
CA SER B 179 -9.60 -6.05 8.92
C SER B 179 -9.87 -4.71 9.57
N THR B 180 -11.13 -4.27 9.48
CA THR B 180 -11.58 -3.12 10.26
C THR B 180 -11.37 -3.41 11.74
N ALA B 181 -11.22 -2.35 12.54
CA ALA B 181 -11.07 -2.52 13.98
C ALA B 181 -12.29 -3.20 14.57
N ARG B 182 -13.47 -2.93 14.01
CA ARG B 182 -14.69 -3.66 14.37
C ARG B 182 -14.53 -5.17 14.19
N GLU B 183 -13.82 -5.60 13.15
CA GLU B 183 -13.65 -7.02 12.87
C GLU B 183 -12.50 -7.65 13.66
N ALA B 184 -11.40 -6.90 13.87
CA ALA B 184 -10.29 -7.42 14.65
C ALA B 184 -10.68 -7.54 16.13
N SER B 185 -11.30 -6.49 16.68
CA SER B 185 -11.78 -6.57 18.06
C SER B 185 -12.75 -7.73 18.25
N ALA B 186 -13.67 -7.90 17.30
CA ALA B 186 -14.64 -8.98 17.42
C ALA B 186 -13.96 -10.34 17.38
N ALA B 187 -12.93 -10.50 16.53
CA ALA B 187 -12.21 -11.77 16.45
C ALA B 187 -11.39 -12.02 17.71
N ASN B 188 -10.85 -10.96 18.29
CA ASN B 188 -10.07 -11.09 19.51
C ASN B 188 -10.94 -11.56 20.67
N GLN B 189 -12.10 -10.92 20.85
CA GLN B 189 -13.04 -11.36 21.88
C GLN B 189 -13.56 -12.75 21.56
N GLU B 190 -13.73 -13.05 20.28
CA GLU B 190 -14.22 -14.37 19.89
C GLU B 190 -13.28 -15.48 20.34
N LEU B 191 -11.97 -15.29 20.12
CA LEU B 191 -10.99 -16.27 20.56
C LEU B 191 -11.01 -16.43 22.06
N LEU B 192 -11.09 -15.33 22.79
CA LEU B 192 -11.13 -15.39 24.25
C LEU B 192 -12.39 -16.11 24.74
N ASP B 193 -13.55 -15.81 24.14
CA ASP B 193 -14.77 -16.54 24.49
C ASP B 193 -14.64 -18.03 24.21
N TYR B 194 -14.05 -18.39 23.08
CA TYR B 194 -13.91 -19.80 22.74
C TYR B 194 -12.98 -20.51 23.71
N LEU B 195 -11.84 -19.89 24.03
CA LEU B 195 -10.90 -20.46 24.99
C LEU B 195 -11.54 -20.64 26.36
N ALA B 196 -12.37 -19.67 26.78
CA ALA B 196 -13.05 -19.78 28.07
C ALA B 196 -13.96 -21.01 28.11
N ILE B 197 -14.70 -21.26 27.02
CA ILE B 197 -15.55 -22.44 26.93
C ILE B 197 -14.71 -23.71 26.98
N LEU B 198 -13.61 -23.72 26.24
CA LEU B 198 -12.73 -24.89 26.24
C LEU B 198 -12.17 -25.15 27.64
N VAL B 199 -11.83 -24.08 28.37
CA VAL B 199 -11.32 -24.27 29.72
C VAL B 199 -12.41 -24.86 30.63
N GLU B 200 -13.64 -24.36 30.52
CA GLU B 200 -14.76 -24.93 31.28
C GLU B 200 -14.90 -26.42 31.02
N GLN B 201 -14.86 -26.82 29.74
CA GLN B 201 -15.02 -28.23 29.38
C GLN B 201 -13.91 -29.07 29.96
N ARG B 202 -12.66 -28.60 29.89
CA ARG B 202 -11.57 -29.40 30.39
C ARG B 202 -11.47 -29.40 31.91
N LEU B 203 -12.07 -28.43 32.60
CA LEU B 203 -12.17 -28.54 34.05
C LEU B 203 -13.05 -29.71 34.43
N VAL B 204 -14.05 -30.02 33.62
CA VAL B 204 -14.96 -31.12 33.91
C VAL B 204 -14.42 -32.45 33.36
N GLU B 205 -13.96 -32.47 32.12
CA GLU B 205 -13.48 -33.70 31.50
C GLU B 205 -12.14 -33.41 30.83
N PRO B 206 -11.05 -33.52 31.56
CA PRO B 206 -9.74 -33.22 30.98
C PRO B 206 -9.36 -34.22 29.91
N LYS B 207 -8.59 -33.75 28.93
CA LYS B 207 -8.02 -34.64 27.93
C LYS B 207 -6.51 -34.48 27.92
N ASP B 208 -5.87 -34.81 26.80
CA ASP B 208 -4.42 -34.72 26.71
C ASP B 208 -4.08 -33.51 25.84
N ASP B 209 -4.04 -32.35 26.47
CA ASP B 209 -3.72 -31.11 25.77
C ASP B 209 -3.25 -30.10 26.81
N ILE B 210 -2.75 -28.97 26.31
CA ILE B 210 -2.14 -27.99 27.21
C ILE B 210 -3.18 -27.44 28.19
N ILE B 211 -4.37 -27.10 27.70
CA ILE B 211 -5.38 -26.51 28.58
C ILE B 211 -5.75 -27.47 29.69
N SER B 212 -5.89 -28.76 29.34
CA SER B 212 -6.21 -29.79 30.34
C SER B 212 -5.15 -29.83 31.43
N LYS B 213 -3.86 -29.81 31.05
CA LYS B 213 -2.80 -29.82 32.05
C LYS B 213 -2.92 -28.59 32.96
N LEU B 214 -3.13 -27.40 32.38
CA LEU B 214 -3.35 -26.22 33.20
C LEU B 214 -4.54 -26.42 34.16
N CYS B 215 -5.62 -27.00 33.67
CA CYS B 215 -6.82 -27.18 34.48
C CYS B 215 -6.59 -28.16 35.63
N THR B 216 -5.93 -29.27 35.34
CA THR B 216 -5.77 -30.33 36.34
C THR B 216 -4.65 -30.04 37.33
N GLU B 217 -3.53 -29.48 36.84
CA GLU B 217 -2.36 -29.26 37.68
C GLU B 217 -2.34 -27.89 38.36
N GLN B 218 -3.08 -26.91 37.86
CA GLN B 218 -2.93 -25.55 38.40
C GLN B 218 -4.24 -24.92 38.81
N VAL B 219 -5.28 -25.06 37.98
CA VAL B 219 -6.54 -24.37 38.29
C VAL B 219 -7.26 -25.06 39.45
N LYS B 220 -7.53 -26.36 39.30
CA LYS B 220 -8.21 -27.10 40.36
C LYS B 220 -7.48 -27.03 41.70
N PRO B 221 -6.15 -27.20 41.80
CA PRO B 221 -5.48 -27.01 43.09
C PRO B 221 -5.45 -25.56 43.58
N GLY B 222 -5.94 -24.61 42.80
CA GLY B 222 -5.98 -23.22 43.22
C GLY B 222 -4.72 -22.41 42.98
N ASN B 223 -3.74 -22.94 42.24
CA ASN B 223 -2.51 -22.18 41.99
C ASN B 223 -2.76 -20.99 41.08
N ILE B 224 -3.66 -21.13 40.11
CA ILE B 224 -4.16 -20.05 39.28
C ILE B 224 -5.66 -20.28 39.16
N ASP B 225 -6.37 -19.26 38.69
CA ASP B 225 -7.78 -19.54 38.42
C ASP B 225 -8.00 -19.68 36.91
N LYS B 226 -9.26 -19.92 36.55
CA LYS B 226 -9.54 -20.32 35.18
C LYS B 226 -9.38 -19.15 34.21
N SER B 227 -9.59 -17.92 34.66
CA SER B 227 -9.29 -16.80 33.78
C SER B 227 -7.79 -16.69 33.49
N ASP B 228 -6.95 -17.06 34.46
CA ASP B 228 -5.51 -17.09 34.19
C ASP B 228 -5.19 -18.11 33.11
N ALA B 229 -5.83 -19.28 33.19
CA ALA B 229 -5.56 -20.32 32.21
C ALA B 229 -5.94 -19.83 30.82
N VAL B 230 -7.06 -19.12 30.71
CA VAL B 230 -7.47 -18.57 29.43
C VAL B 230 -6.43 -17.57 28.91
N GLN B 231 -5.87 -16.74 29.78
CA GLN B 231 -4.90 -15.75 29.32
C GLN B 231 -3.60 -16.42 28.89
N ILE B 232 -3.13 -17.41 29.65
CA ILE B 232 -1.94 -18.15 29.25
C ILE B 232 -2.17 -18.87 27.92
N ALA B 233 -3.35 -19.48 27.75
CA ALA B 233 -3.65 -20.17 26.50
C ALA B 233 -3.66 -19.19 25.34
N PHE B 234 -4.26 -18.01 25.56
CA PHE B 234 -4.31 -16.97 24.54
C PHE B 234 -2.92 -16.47 24.19
N LEU B 235 -2.08 -16.27 25.20
CA LEU B 235 -0.70 -15.86 24.94
C LEU B 235 0.05 -16.89 24.09
N LEU B 236 -0.14 -18.19 24.37
CA LEU B 236 0.55 -19.19 23.58
C LEU B 236 0.07 -19.18 22.13
N LEU B 237 -1.20 -18.83 21.91
CA LEU B 237 -1.76 -18.75 20.56
C LEU B 237 -1.22 -17.54 19.80
N VAL B 238 -1.34 -16.34 20.39
CA VAL B 238 -1.08 -15.13 19.62
C VAL B 238 0.37 -14.67 19.64
N ALA B 239 1.20 -15.18 20.56
CA ALA B 239 2.55 -14.63 20.69
C ALA B 239 3.41 -14.96 19.48
N GLY B 240 3.27 -16.15 18.93
CA GLY B 240 4.20 -16.51 17.88
C GLY B 240 3.59 -16.89 16.54
N ASN B 241 2.26 -16.86 16.42
CA ASN B 241 1.66 -17.43 15.23
C ASN B 241 1.92 -16.59 13.99
N ALA B 242 1.68 -15.28 14.06
CA ALA B 242 1.92 -14.43 12.90
C ALA B 242 3.39 -14.43 12.50
N THR B 243 4.32 -14.54 13.47
CA THR B 243 5.74 -14.61 13.15
C THR B 243 6.07 -15.90 12.41
N MET B 244 5.49 -17.03 12.84
CA MET B 244 5.68 -18.29 12.14
C MET B 244 5.22 -18.18 10.69
N VAL B 245 4.02 -17.63 10.47
CA VAL B 245 3.50 -17.44 9.12
C VAL B 245 4.48 -16.63 8.27
N ASN B 246 4.94 -15.49 8.80
CA ASN B 246 5.88 -14.66 8.05
C ASN B 246 7.18 -15.40 7.76
N MET B 247 7.66 -16.24 8.69
CA MET B 247 8.95 -16.91 8.48
C MET B 247 8.86 -17.94 7.35
N ILE B 248 7.74 -18.65 7.25
CA ILE B 248 7.58 -19.58 6.13
C ILE B 248 7.58 -18.81 4.83
N ALA B 249 6.78 -17.73 4.76
CA ALA B 249 6.70 -16.92 3.54
C ALA B 249 8.05 -16.32 3.18
N LEU B 250 8.71 -15.70 4.16
CA LEU B 250 10.04 -15.13 3.92
C LEU B 250 11.03 -16.19 3.51
N GLY B 251 10.88 -17.41 4.04
CA GLY B 251 11.74 -18.51 3.61
C GLY B 251 11.61 -18.79 2.13
N VAL B 252 10.38 -18.88 1.64
CA VAL B 252 10.16 -19.16 0.23
C VAL B 252 10.67 -18.01 -0.65
N ALA B 253 10.37 -16.76 -0.26
CA ALA B 253 10.85 -15.61 -1.02
C ALA B 253 12.38 -15.54 -1.05
N THR B 254 13.03 -15.89 0.07
CA THR B 254 14.48 -15.83 0.12
C THR B 254 15.13 -16.86 -0.80
N LEU B 255 14.62 -18.09 -0.79
CA LEU B 255 15.14 -19.11 -1.69
C LEU B 255 14.95 -18.72 -3.15
N ALA B 256 13.82 -18.11 -3.50
CA ALA B 256 13.61 -17.58 -4.84
C ALA B 256 14.66 -16.54 -5.21
N GLN B 257 15.17 -15.80 -4.23
CA GLN B 257 16.20 -14.80 -4.47
C GLN B 257 17.60 -15.39 -4.56
N HIS B 258 17.80 -16.63 -4.11
CA HIS B 258 19.12 -17.27 -4.09
C HIS B 258 18.99 -18.63 -4.73
N PRO B 259 18.85 -18.68 -6.06
CA PRO B 259 18.51 -19.93 -6.72
C PRO B 259 19.55 -21.03 -6.56
N ASP B 260 20.82 -20.66 -6.34
CA ASP B 260 21.84 -21.68 -6.13
C ASP B 260 21.68 -22.35 -4.77
N GLN B 261 21.22 -21.61 -3.76
CA GLN B 261 20.98 -22.25 -2.47
C GLN B 261 19.70 -23.07 -2.49
N LEU B 262 18.67 -22.61 -3.21
CA LEU B 262 17.49 -23.45 -3.43
C LEU B 262 17.85 -24.74 -4.15
N ALA B 263 18.75 -24.66 -5.15
CA ALA B 263 19.20 -25.87 -5.85
C ALA B 263 19.87 -26.84 -4.87
N GLN B 264 20.71 -26.30 -3.97
CA GLN B 264 21.28 -27.13 -2.91
C GLN B 264 20.21 -27.82 -2.07
N LEU B 265 19.19 -27.06 -1.65
CA LEU B 265 18.16 -27.62 -0.77
C LEU B 265 17.30 -28.64 -1.49
N LYS B 266 17.02 -28.39 -2.77
CA LYS B 266 16.28 -29.36 -3.55
C LYS B 266 17.05 -30.67 -3.69
N ALA B 267 18.37 -30.59 -3.93
CA ALA B 267 19.16 -31.81 -4.04
C ALA B 267 19.31 -32.52 -2.71
N ASN B 268 19.38 -31.77 -1.61
CA ASN B 268 19.72 -32.34 -0.31
C ASN B 268 18.77 -31.77 0.74
N PRO B 269 17.64 -32.45 0.98
CA PRO B 269 16.69 -31.97 2.01
C PRO B 269 17.27 -31.91 3.41
N SER B 270 18.35 -32.65 3.67
CA SER B 270 18.99 -32.62 4.98
C SER B 270 19.65 -31.29 5.29
N LEU B 271 19.78 -30.39 4.33
CA LEU B 271 20.30 -29.06 4.62
C LEU B 271 19.24 -28.14 5.23
N ALA B 272 17.99 -28.59 5.36
CA ALA B 272 16.93 -27.77 5.94
C ALA B 272 17.32 -27.14 7.27
N PRO B 273 17.88 -27.87 8.26
CA PRO B 273 18.22 -27.22 9.54
C PRO B 273 19.16 -26.03 9.37
N GLN B 274 20.18 -26.15 8.52
CA GLN B 274 21.08 -25.00 8.46
C GLN B 274 20.48 -23.88 7.62
N PHE B 275 19.57 -24.19 6.69
CA PHE B 275 18.78 -23.14 6.06
C PHE B 275 17.97 -22.36 7.09
N VAL B 276 17.26 -23.08 7.98
CA VAL B 276 16.42 -22.47 9.00
C VAL B 276 17.25 -21.57 9.91
N GLU B 277 18.41 -22.08 10.36
CA GLU B 277 19.27 -21.28 11.24
C GLU B 277 19.65 -19.95 10.60
N GLU B 278 20.04 -19.98 9.33
CA GLU B 278 20.41 -18.74 8.65
C GLU B 278 19.19 -17.85 8.45
N LEU B 279 18.03 -18.47 8.15
CA LEU B 279 16.79 -17.73 7.98
C LEU B 279 16.41 -16.95 9.24
N CYS B 280 16.48 -17.62 10.40
CA CYS B 280 16.10 -16.97 11.64
C CYS B 280 17.09 -15.88 12.05
N ARG B 281 18.33 -15.93 11.56
CA ARG B 281 19.29 -14.85 11.77
C ARG B 281 19.03 -13.69 10.82
N TYR B 282 18.98 -14.00 9.52
CA TYR B 282 18.89 -12.99 8.47
C TYR B 282 17.58 -12.22 8.54
N HIS B 283 16.45 -12.93 8.68
CA HIS B 283 15.12 -12.34 8.73
C HIS B 283 14.64 -12.43 10.18
N THR B 284 14.92 -11.37 10.95
CA THR B 284 14.54 -11.30 12.35
C THR B 284 13.13 -10.72 12.43
N ALA B 285 12.16 -11.63 12.30
CA ALA B 285 10.75 -11.26 12.11
C ALA B 285 10.06 -10.79 13.38
N SER B 286 10.62 -11.04 14.56
CA SER B 286 10.16 -10.43 15.81
C SER B 286 11.32 -9.59 16.34
N ALA B 287 11.34 -8.29 16.00
CA ALA B 287 12.46 -7.43 16.33
C ALA B 287 12.16 -6.42 17.44
N LEU B 288 10.96 -6.43 18.03
CA LEU B 288 10.57 -5.38 18.97
C LEU B 288 10.20 -5.93 20.34
N ALA B 289 10.57 -7.17 20.66
CA ALA B 289 10.07 -7.79 21.87
C ALA B 289 11.01 -7.69 23.06
N ILE B 290 12.28 -7.33 22.85
CA ILE B 290 13.26 -7.26 23.94
C ILE B 290 13.26 -5.83 24.45
N LYS B 291 12.34 -5.53 25.35
CA LYS B 291 12.18 -4.22 25.95
C LYS B 291 12.28 -4.34 27.46
N ARG B 292 12.77 -3.28 28.09
CA ARG B 292 13.00 -3.31 29.53
C ARG B 292 12.88 -1.90 30.08
N THR B 293 12.69 -1.81 31.37
CA THR B 293 12.94 -0.58 32.09
C THR B 293 14.00 -0.88 33.16
N ALA B 294 14.87 0.10 33.42
CA ALA B 294 15.92 -0.06 34.41
C ALA B 294 15.35 0.10 35.81
N LYS B 295 15.62 -0.87 36.69
CA LYS B 295 15.19 -0.75 38.08
C LYS B 295 16.11 0.15 38.88
N GLU B 296 17.38 0.21 38.52
CA GLU B 296 18.36 1.13 39.10
C GLU B 296 19.30 1.54 37.98
N ASP B 297 20.15 2.53 38.28
CA ASP B 297 21.12 2.97 37.27
C ASP B 297 21.98 1.80 36.81
N VAL B 298 22.20 1.74 35.51
CA VAL B 298 23.01 0.68 34.92
C VAL B 298 23.82 1.28 33.80
N MET B 299 25.05 0.79 33.64
CA MET B 299 25.95 1.27 32.61
C MET B 299 25.95 0.28 31.46
N ILE B 300 25.72 0.79 30.26
CA ILE B 300 25.69 -0.01 29.03
C ILE B 300 26.61 0.68 28.05
N GLY B 301 27.71 0.03 27.72
CA GLY B 301 28.72 0.70 26.89
C GLY B 301 29.18 1.98 27.56
N ASP B 302 29.26 3.05 26.76
CA ASP B 302 29.64 4.36 27.25
C ASP B 302 28.45 5.19 27.75
N LYS B 303 27.28 4.58 27.94
CA LYS B 303 26.11 5.32 28.39
C LYS B 303 25.69 4.90 29.79
N LEU B 304 25.13 5.86 30.53
CA LEU B 304 24.49 5.61 31.81
C LEU B 304 22.98 5.64 31.61
N VAL B 305 22.33 4.51 31.82
CA VAL B 305 20.88 4.40 31.76
C VAL B 305 20.35 4.54 33.18
N ARG B 306 19.57 5.59 33.41
CA ARG B 306 19.08 5.87 34.76
C ARG B 306 17.89 4.97 35.09
N ALA B 307 17.65 4.82 36.38
CA ALA B 307 16.45 4.12 36.82
C ALA B 307 15.21 4.77 36.20
N ASN B 308 14.22 3.93 35.87
CA ASN B 308 12.95 4.32 35.25
C ASN B 308 13.13 4.82 33.82
N GLU B 309 14.22 4.46 33.15
CA GLU B 309 14.35 4.75 31.73
C GLU B 309 14.16 3.44 30.95
N GLY B 310 13.63 3.59 29.74
CA GLY B 310 13.30 2.44 28.92
C GLY B 310 14.42 2.04 27.97
N ILE B 311 14.50 0.73 27.71
CA ILE B 311 15.51 0.17 26.82
C ILE B 311 14.81 -0.75 25.83
N ILE B 312 15.20 -0.62 24.57
CA ILE B 312 14.86 -1.56 23.51
C ILE B 312 16.17 -2.13 23.00
N ALA B 313 16.28 -3.45 23.00
CA ALA B 313 17.46 -4.16 22.51
C ALA B 313 17.10 -4.79 21.17
N SER B 314 17.74 -4.34 20.11
CA SER B 314 17.41 -4.80 18.75
C SER B 314 18.15 -6.10 18.46
N ASN B 315 17.42 -7.22 18.59
CA ASN B 315 17.99 -8.48 18.16
C ASN B 315 18.15 -8.53 16.65
N GLN B 316 17.34 -7.76 15.91
CA GLN B 316 17.52 -7.64 14.47
C GLN B 316 18.90 -7.06 14.13
N SER B 317 19.23 -5.92 14.73
CA SER B 317 20.58 -5.34 14.58
C SER B 317 21.67 -6.31 15.06
N ALA B 318 21.45 -6.96 16.21
CA ALA B 318 22.42 -7.90 16.74
C ALA B 318 22.71 -9.03 15.77
N ASN B 319 21.71 -9.46 15.00
CA ASN B 319 21.87 -10.56 14.07
C ASN B 319 22.61 -10.15 12.81
N ARG B 320 22.81 -8.85 12.60
CA ARG B 320 23.63 -8.32 11.52
C ARG B 320 24.94 -7.73 12.03
N ASP B 321 25.30 -8.00 13.29
CA ASP B 321 26.49 -7.40 13.91
C ASP B 321 27.74 -7.99 13.27
N GLU B 322 28.48 -7.17 12.53
CA GLU B 322 29.66 -7.64 11.81
C GLU B 322 30.75 -8.10 12.76
N GLU B 323 30.69 -7.71 14.02
CA GLU B 323 31.63 -8.17 15.03
C GLU B 323 31.44 -9.66 15.34
N VAL B 324 30.24 -10.18 15.12
CA VAL B 324 29.90 -11.57 15.44
C VAL B 324 29.79 -12.42 14.18
N PHE B 325 29.07 -11.92 13.16
CA PHE B 325 28.73 -12.68 11.97
C PHE B 325 29.48 -12.10 10.77
N GLU B 326 30.36 -12.91 10.18
CA GLU B 326 31.05 -12.46 8.98
C GLU B 326 30.08 -12.33 7.83
N ASN B 327 30.23 -11.25 7.05
CA ASN B 327 29.33 -10.87 5.97
C ASN B 327 27.87 -10.98 6.42
N PRO B 328 27.46 -10.18 7.42
CA PRO B 328 26.14 -10.39 8.01
C PRO B 328 24.99 -10.08 7.06
N ASP B 329 25.24 -9.27 6.03
CA ASP B 329 24.16 -8.85 5.14
C ASP B 329 23.99 -9.77 3.94
N GLU B 330 24.73 -10.88 3.86
CA GLU B 330 24.49 -11.85 2.81
C GLU B 330 23.84 -13.09 3.40
N PHE B 331 22.77 -13.54 2.76
CA PHE B 331 22.11 -14.76 3.18
C PHE B 331 22.96 -15.93 2.70
N ASN B 332 23.39 -16.79 3.62
CA ASN B 332 24.29 -17.87 3.23
C ASN B 332 24.09 -19.04 4.19
N MET B 333 23.29 -20.03 3.77
CA MET B 333 23.06 -21.18 4.64
C MET B 333 24.29 -22.05 4.82
N ASN B 334 25.34 -21.83 4.04
CA ASN B 334 26.60 -22.56 4.16
C ASN B 334 27.58 -21.87 5.08
N ARG B 335 27.15 -20.84 5.83
CA ARG B 335 28.09 -20.08 6.63
C ARG B 335 28.60 -20.91 7.79
N LYS B 336 29.79 -20.53 8.27
CA LYS B 336 30.37 -21.12 9.46
C LYS B 336 29.88 -20.33 10.65
N TRP B 337 29.31 -21.03 11.61
CA TRP B 337 28.71 -20.25 12.67
C TRP B 337 29.74 -19.94 13.76
N PRO B 338 29.64 -18.76 14.37
CA PRO B 338 30.54 -18.40 15.47
C PRO B 338 30.01 -18.96 16.78
N PRO B 339 30.73 -18.79 17.90
CA PRO B 339 30.24 -19.36 19.16
C PRO B 339 29.05 -18.63 19.73
N GLN B 340 28.83 -17.36 19.37
CA GLN B 340 27.67 -16.62 19.87
C GLN B 340 26.39 -17.08 19.20
N ASP B 341 25.31 -17.16 19.97
CA ASP B 341 24.01 -17.52 19.44
C ASP B 341 23.48 -16.44 18.52
N PRO B 342 22.83 -16.79 17.42
CA PRO B 342 21.91 -15.84 16.80
C PRO B 342 20.75 -15.57 17.74
N LEU B 343 20.16 -14.39 17.62
CA LEU B 343 19.18 -13.88 18.56
C LEU B 343 17.79 -13.75 17.97
N GLY B 344 17.46 -14.57 16.96
CA GLY B 344 16.10 -14.52 16.42
C GLY B 344 15.03 -14.84 17.45
N PHE B 345 15.35 -15.67 18.45
CA PHE B 345 14.39 -16.05 19.47
C PHE B 345 14.64 -15.38 20.80
N GLY B 346 15.41 -14.29 20.80
CA GLY B 346 15.76 -13.65 22.07
C GLY B 346 16.87 -14.39 22.81
N PHE B 347 16.89 -14.15 24.13
CA PHE B 347 18.05 -14.54 24.93
C PHE B 347 17.71 -14.43 26.42
N GLY B 348 18.36 -15.25 27.22
CA GLY B 348 18.14 -15.22 28.65
C GLY B 348 16.89 -15.98 29.05
N ASP B 349 16.39 -15.64 30.24
CA ASP B 349 15.27 -16.37 30.83
C ASP B 349 14.03 -16.31 29.94
N HIS B 350 13.78 -15.14 29.32
CA HIS B 350 12.60 -14.90 28.51
C HIS B 350 12.73 -15.42 27.08
N ARG B 351 13.87 -16.00 26.72
CA ARG B 351 14.06 -16.56 25.37
C ARG B 351 12.87 -17.42 24.97
N CYS B 352 12.42 -17.24 23.72
CA CYS B 352 11.17 -17.81 23.22
C CYS B 352 10.94 -19.23 23.71
N ILE B 353 9.81 -19.44 24.37
CA ILE B 353 9.51 -20.76 24.91
C ILE B 353 9.34 -21.78 23.80
N ALA B 354 8.88 -21.35 22.62
CA ALA B 354 8.62 -22.28 21.53
C ALA B 354 9.77 -22.38 20.52
N GLU B 355 11.00 -22.03 20.92
CA GLU B 355 12.11 -22.01 19.95
C GLU B 355 12.31 -23.36 19.26
N HIS B 356 12.30 -24.46 20.03
CA HIS B 356 12.47 -25.78 19.44
C HIS B 356 11.27 -26.17 18.58
N LEU B 357 10.05 -25.87 19.05
CA LEU B 357 8.87 -26.12 18.23
C LEU B 357 8.93 -25.35 16.92
N ALA B 358 9.20 -24.04 17.00
CA ALA B 358 9.28 -23.20 15.82
C ALA B 358 10.32 -23.75 14.84
N LYS B 359 11.50 -24.10 15.33
CA LYS B 359 12.55 -24.59 14.44
C LYS B 359 12.17 -25.93 13.82
N ALA B 360 11.50 -26.79 14.60
CA ALA B 360 11.07 -28.07 14.04
C ALA B 360 10.00 -27.86 12.97
N GLU B 361 9.06 -26.94 13.19
CA GLU B 361 8.07 -26.64 12.16
C GLU B 361 8.75 -26.13 10.89
N LEU B 362 9.61 -25.12 11.03
CA LEU B 362 10.33 -24.57 9.88
C LEU B 362 11.17 -25.64 9.18
N THR B 363 11.91 -26.45 9.96
CA THR B 363 12.75 -27.48 9.34
C THR B 363 11.88 -28.48 8.58
N THR B 364 10.75 -28.89 9.16
CA THR B 364 9.85 -29.83 8.50
C THR B 364 9.29 -29.26 7.20
N VAL B 365 8.91 -27.97 7.23
CA VAL B 365 8.42 -27.31 6.02
C VAL B 365 9.48 -27.34 4.93
N PHE B 366 10.70 -26.89 5.25
CA PHE B 366 11.68 -26.67 4.19
C PHE B 366 12.40 -27.94 3.76
N SER B 367 12.36 -28.99 4.58
CA SER B 367 12.80 -30.28 4.08
C SER B 367 11.73 -30.98 3.24
N THR B 368 10.47 -30.53 3.29
CA THR B 368 9.39 -31.22 2.62
C THR B 368 8.83 -30.47 1.42
N LEU B 369 8.81 -29.13 1.48
CA LEU B 369 8.05 -28.34 0.52
C LEU B 369 8.50 -28.58 -0.92
N TYR B 370 9.80 -28.55 -1.17
CA TYR B 370 10.32 -28.70 -2.53
C TYR B 370 10.46 -30.15 -2.96
N GLN B 371 10.36 -31.09 -2.03
CA GLN B 371 10.19 -32.49 -2.41
CA GLN B 371 10.21 -32.48 -2.45
C GLN B 371 8.80 -32.73 -2.98
N LYS B 372 7.78 -32.14 -2.35
CA LYS B 372 6.41 -32.22 -2.89
C LYS B 372 6.26 -31.40 -4.16
N PHE B 373 6.82 -30.18 -4.19
CA PHE B 373 6.64 -29.27 -5.31
C PHE B 373 8.00 -28.82 -5.80
N PRO B 374 8.72 -29.69 -6.53
CA PRO B 374 10.04 -29.30 -7.04
C PRO B 374 10.02 -28.05 -7.91
N ASP B 375 8.91 -27.74 -8.58
CA ASP B 375 8.83 -26.56 -9.44
C ASP B 375 8.05 -25.40 -8.80
N LEU B 376 7.91 -25.38 -7.47
CA LEU B 376 7.32 -24.22 -6.80
C LEU B 376 8.06 -22.94 -7.17
N LYS B 377 7.32 -21.98 -7.74
CA LYS B 377 7.88 -20.70 -8.15
C LYS B 377 7.01 -19.57 -7.61
N VAL B 378 7.65 -18.48 -7.20
CA VAL B 378 6.89 -17.25 -6.95
C VAL B 378 6.41 -16.70 -8.28
N ALA B 379 5.11 -16.41 -8.37
CA ALA B 379 4.50 -16.11 -9.65
C ALA B 379 4.66 -14.64 -10.06
N VAL B 380 5.03 -13.77 -9.15
CA VAL B 380 5.20 -12.35 -9.48
C VAL B 380 6.69 -12.04 -9.51
N PRO B 381 7.12 -10.95 -10.16
CA PRO B 381 8.53 -10.56 -10.07
C PRO B 381 8.90 -10.31 -8.61
N LEU B 382 10.08 -10.79 -8.23
CA LEU B 382 10.49 -10.72 -6.83
C LEU B 382 10.46 -9.29 -6.32
N GLY B 383 10.71 -8.32 -7.19
CA GLY B 383 10.62 -6.93 -6.77
C GLY B 383 9.22 -6.47 -6.43
N LYS B 384 8.19 -7.25 -6.77
CA LYS B 384 6.81 -6.88 -6.52
C LYS B 384 6.17 -7.66 -5.36
N ILE B 385 6.94 -8.44 -4.60
CA ILE B 385 6.39 -9.13 -3.45
C ILE B 385 5.81 -8.11 -2.47
N ASN B 386 4.61 -8.40 -1.96
CA ASN B 386 3.88 -7.54 -1.01
C ASN B 386 4.43 -7.80 0.39
N TYR B 387 5.43 -7.02 0.79
CA TYR B 387 5.94 -7.11 2.14
C TYR B 387 5.04 -6.33 3.09
N THR B 388 5.24 -6.55 4.39
CA THR B 388 4.55 -5.75 5.38
C THR B 388 4.95 -4.29 5.26
N PRO B 389 4.13 -3.37 5.78
CA PRO B 389 4.53 -1.96 5.80
C PRO B 389 5.89 -1.79 6.47
N LEU B 390 6.66 -0.81 5.95
CA LEU B 390 8.06 -0.63 6.34
C LEU B 390 8.25 -0.30 7.81
N ASN B 391 7.24 0.26 8.48
CA ASN B 391 7.40 0.58 9.89
C ASN B 391 6.94 -0.55 10.80
N ARG B 392 6.66 -1.72 10.26
CA ARG B 392 6.35 -2.89 11.07
C ARG B 392 7.48 -3.92 10.95
N ASP B 393 7.34 -5.00 11.71
CA ASP B 393 8.23 -6.15 11.55
C ASP B 393 8.15 -6.71 10.13
N VAL B 394 9.30 -7.20 9.66
CA VAL B 394 9.39 -7.76 8.32
C VAL B 394 8.49 -8.98 8.20
N GLY B 395 7.87 -9.12 7.05
CA GLY B 395 6.86 -10.15 6.83
C GLY B 395 6.33 -10.00 5.42
N ILE B 396 5.50 -10.96 5.03
CA ILE B 396 4.90 -10.97 3.69
C ILE B 396 3.39 -11.16 3.84
N VAL B 397 2.62 -10.27 3.20
CA VAL B 397 1.16 -10.28 3.34
C VAL B 397 0.54 -11.42 2.51
N ASP B 398 1.04 -11.64 1.30
CA ASP B 398 0.54 -12.70 0.42
C ASP B 398 1.68 -13.05 -0.53
N LEU B 399 1.64 -14.26 -1.06
CA LEU B 399 2.74 -14.74 -1.90
C LEU B 399 2.16 -15.65 -2.99
N PRO B 400 1.81 -15.08 -4.14
CA PRO B 400 1.29 -15.90 -5.24
C PRO B 400 2.37 -16.83 -5.76
N VAL B 401 2.03 -18.12 -5.85
CA VAL B 401 2.94 -19.15 -6.31
C VAL B 401 2.24 -20.03 -7.35
N ILE B 402 3.04 -20.69 -8.17
CA ILE B 402 2.58 -21.80 -8.99
C ILE B 402 3.51 -22.97 -8.69
N PHE B 403 3.09 -24.15 -9.12
CA PHE B 403 3.82 -25.38 -8.82
C PHE B 403 3.36 -26.50 -9.77
CHA HEM C . -7.71 12.33 -22.74
CHB HEM C . -8.74 11.62 -18.01
CHC HEM C . -4.09 12.44 -16.88
CHD HEM C . -3.20 13.57 -21.52
C1A HEM C . -8.34 12.06 -21.52
C2A HEM C . -9.74 11.84 -21.44
C3A HEM C . -10.04 11.64 -20.14
C4A HEM C . -8.80 11.75 -19.41
CMA HEM C . -11.47 11.35 -19.56
CAA HEM C . -10.76 11.79 -22.56
CBA HEM C . -10.51 10.43 -23.27
CGA HEM C . -11.54 10.12 -24.37
O1A HEM C . -11.79 10.95 -25.26
O2A HEM C . -12.17 9.02 -24.40
C1B HEM C . -7.58 11.76 -17.31
C2B HEM C . -7.53 11.62 -15.87
C3B HEM C . -6.16 11.86 -15.54
C4B HEM C . -5.46 12.15 -16.83
CMB HEM C . -8.71 11.26 -14.99
CAB HEM C . -5.47 11.85 -14.24
CBB HEM C . -5.87 11.01 -13.29
C1C HEM C . -3.37 12.83 -18.06
C2C HEM C . -1.99 13.16 -18.12
C3C HEM C . -1.76 13.49 -19.48
C4C HEM C . -3.03 13.35 -20.19
CMC HEM C . -1.09 13.11 -16.91
CAC HEM C . -0.56 13.94 -20.27
CBC HEM C . 0.62 13.59 -20.03
C1D HEM C . -4.44 13.28 -22.16
C2D HEM C . -4.54 13.46 -23.64
C3D HEM C . -5.76 13.12 -23.97
C4D HEM C . -6.41 12.73 -22.70
CMD HEM C . -3.43 13.97 -24.59
CAD HEM C . -6.35 13.15 -25.37
CBD HEM C . -6.11 11.74 -25.95
CGD HEM C . -6.72 11.57 -27.34
O1D HEM C . -7.67 12.22 -27.75
O2D HEM C . -6.22 10.75 -28.09
NA HEM C . -7.75 12.05 -20.25
NB HEM C . -6.37 12.09 -17.78
NC HEM C . -3.96 12.96 -19.31
ND HEM C . -5.58 12.83 -21.65
FE HEM C . -5.94 12.36 -19.86
CHA HEM D . 9.07 -14.88 23.18
CHB HEM D . 10.58 -15.07 18.61
CHC HEM D . 7.46 -18.57 17.61
CHD HEM D . 5.63 -18.04 22.08
C1A HEM D . 9.74 -14.65 21.98
C2A HEM D . 10.78 -13.57 21.79
C3A HEM D . 11.19 -13.63 20.54
C4A HEM D . 10.43 -14.70 19.94
CMA HEM D . 12.26 -12.73 19.89
CAA HEM D . 11.30 -12.59 22.85
CBA HEM D . 12.17 -13.37 23.84
CGA HEM D . 12.78 -12.37 24.86
O1A HEM D . 12.09 -11.56 25.53
O2A HEM D . 14.03 -12.34 25.01
C1B HEM D . 9.89 -16.06 17.91
C2B HEM D . 10.13 -16.39 16.50
C3B HEM D . 9.22 -17.37 16.26
C4B HEM D . 8.48 -17.61 17.51
CMB HEM D . 11.16 -15.76 15.52
CAB HEM D . 8.93 -18.12 15.06
CBB HEM D . 9.89 -18.44 14.14
C1C HEM D . 6.68 -18.74 18.72
C2C HEM D . 5.61 -19.68 18.84
C3C HEM D . 5.11 -19.47 20.16
C4C HEM D . 5.86 -18.47 20.79
CMC HEM D . 5.16 -20.70 17.77
CAC HEM D . 4.01 -20.15 20.86
CBC HEM D . 3.78 -21.38 20.63
C1D HEM D . 6.51 -17.09 22.72
C2D HEM D . 6.29 -16.71 24.10
C3D HEM D . 7.20 -15.85 24.42
C4D HEM D . 8.00 -15.71 23.20
CMD HEM D . 5.14 -17.26 24.99
CAD HEM D . 7.42 -15.14 25.78
CBD HEM D . 8.48 -15.93 26.51
CGD HEM D . 8.84 -15.38 27.92
O1D HEM D . 9.25 -16.18 28.84
O2D HEM D . 8.74 -14.14 28.20
NA HEM D . 9.53 -15.28 20.80
NB HEM D . 8.94 -16.79 18.42
NC HEM D . 6.80 -18.04 19.85
ND HEM D . 7.56 -16.47 22.18
FE HEM D . 8.33 -16.68 20.48
#